data_9OU1
#
_entry.id   9OU1
#
_cell.length_a   53.823
_cell.length_b   115.370
_cell.length_c   56.532
_cell.angle_alpha   90.000
_cell.angle_beta   104.247
_cell.angle_gamma   90.000
#
_symmetry.space_group_name_H-M   'P 1 21 1'
#
loop_
_entity.id
_entity.type
_entity.pdbx_description
1 polymer 'Aldose reductase, AKR4C13'
2 non-polymer 'NADP NICOTINAMIDE-ADENINE-DINUCLEOTIDE PHOSPHATE'
3 non-polymer 1,2-ETHANEDIOL
4 water water
#
_entity_poly.entity_id   1
_entity_poly.type   'polypeptide(L)'
_entity_poly.pdbx_seq_one_letter_code
;MASAQAVGQGERGHFVLKSGHTIPAVGLGTWRAGSDTAHSVRTAIAEAGYRHVDTAAQYGVEKEVGRGLKAAMEGGINRK
DLFVTSKLWCTELAPDRVRPALEKTLKDLQLDYLDLYLIHWPFRLKDGAHMPPEAGEVLELDMEGVWREMEGLVKDGLVK
DIGVCNYTVAKLNRLMRSANVPPAVCQMEMHPGWKNDRIFEACKKHGIHVTAYSPLGSSEKNLAHDPLVEKVANKLDKTP
GQVLLRWALQRGTSVIPKSTRDERIKENIQVFGWEIPEEDFRAL(CSO)GIKDEKRVLTGEELFVNKTHGPYKSATEVWD
HEDLEHHHHHH
;
_entity_poly.pdbx_strand_id   A,B
#
loop_
_chem_comp.id
_chem_comp.type
_chem_comp.name
_chem_comp.formula
EDO non-polymer 1,2-ETHANEDIOL 'C2 H6 O2'
NAP non-polymer 'NADP NICOTINAMIDE-ADENINE-DINUCLEOTIDE PHOSPHATE' 'C21 H28 N7 O17 P3'
#
# COMPACT_ATOMS: atom_id res chain seq x y z
N GLY A 13 -2.42 -15.98 -14.97
CA GLY A 13 -2.33 -14.53 -15.19
C GLY A 13 -1.62 -13.77 -14.06
N HIS A 14 -1.43 -14.42 -12.90
CA HIS A 14 -0.79 -13.80 -11.75
C HIS A 14 -0.10 -14.85 -10.91
N PHE A 15 0.79 -14.39 -10.03
CA PHE A 15 1.49 -15.21 -9.06
C PHE A 15 1.10 -14.76 -7.65
N VAL A 16 1.24 -15.62 -6.65
CA VAL A 16 0.80 -15.30 -5.30
C VAL A 16 2.01 -15.11 -4.40
N LEU A 17 2.08 -13.94 -3.77
CA LEU A 17 3.16 -13.64 -2.84
C LEU A 17 2.88 -14.25 -1.46
N LYS A 18 3.88 -14.34 -0.60
CA LYS A 18 3.69 -14.99 0.71
C LYS A 18 2.64 -14.23 1.53
N SER A 19 2.56 -12.92 1.36
CA SER A 19 1.55 -12.08 2.02
C SER A 19 0.12 -12.42 1.62
N GLY A 20 -0.06 -13.21 0.53
CA GLY A 20 -1.37 -13.42 -0.08
C GLY A 20 -1.73 -12.43 -1.19
N HIS A 21 -0.99 -11.34 -1.31
CA HIS A 21 -1.15 -10.41 -2.42
C HIS A 21 -0.74 -11.08 -3.72
N THR A 22 -1.39 -10.71 -4.80
CA THR A 22 -1.07 -11.24 -6.11
C THR A 22 -0.29 -10.20 -6.89
N ILE A 23 0.59 -10.72 -7.74
CA ILE A 23 1.36 -9.93 -8.69
C ILE A 23 0.99 -10.36 -10.11
N PRO A 24 0.55 -9.44 -11.00
CA PRO A 24 0.29 -9.82 -12.38
C PRO A 24 1.53 -10.36 -13.06
N ALA A 25 1.34 -11.45 -13.84
CA ALA A 25 2.42 -12.14 -14.52
C ALA A 25 3.21 -11.27 -15.49
N VAL A 26 2.55 -10.34 -16.17
CA VAL A 26 3.18 -9.41 -17.09
C VAL A 26 2.96 -8.00 -16.61
N GLY A 27 4.07 -7.23 -16.55
CA GLY A 27 4.00 -5.81 -16.31
C GLY A 27 4.80 -5.04 -17.36
N LEU A 28 4.58 -3.71 -17.38
CA LEU A 28 5.29 -2.80 -18.25
C LEU A 28 6.53 -2.26 -17.55
N GLY A 29 7.70 -2.47 -18.16
CA GLY A 29 8.92 -1.85 -17.71
C GLY A 29 9.01 -0.43 -18.26
N THR A 30 9.75 0.42 -17.52
CA THR A 30 9.80 1.83 -17.85
C THR A 30 11.19 2.41 -17.87
N TRP A 31 12.25 1.61 -17.71
CA TRP A 31 13.59 2.20 -17.81
C TRP A 31 13.83 2.65 -19.26
N ARG A 32 14.30 3.88 -19.46
CA ARG A 32 14.61 4.47 -20.76
C ARG A 32 13.36 4.72 -21.58
N ALA A 33 12.18 4.83 -20.97
CA ALA A 33 10.97 5.17 -21.71
C ALA A 33 10.89 6.65 -22.02
N GLY A 34 11.70 7.47 -21.34
CA GLY A 34 11.87 8.86 -21.72
C GLY A 34 10.57 9.63 -21.81
N SER A 35 10.49 10.53 -22.80
CA SER A 35 9.31 11.35 -22.95
C SER A 35 8.09 10.59 -23.49
N ASP A 36 8.21 9.29 -23.76
CA ASP A 36 7.07 8.48 -24.17
C ASP A 36 6.53 7.69 -22.98
N THR A 37 7.04 7.92 -21.74
CA THR A 37 6.65 7.12 -20.57
C THR A 37 5.14 7.19 -20.29
N ALA A 38 4.61 8.42 -20.20
CA ALA A 38 3.21 8.55 -19.81
C ALA A 38 2.26 7.91 -20.81
N HIS A 39 2.54 8.11 -22.10
CA HIS A 39 1.73 7.48 -23.15
C HIS A 39 1.80 5.98 -23.08
N SER A 40 3.02 5.45 -22.88
CA SER A 40 3.22 4.01 -22.83
C SER A 40 2.42 3.39 -21.69
N VAL A 41 2.50 4.00 -20.50
CA VAL A 41 1.77 3.53 -19.34
C VAL A 41 0.27 3.53 -19.61
N ARG A 42 -0.23 4.65 -20.13
N ARG A 42 -0.23 4.65 -20.14
CA ARG A 42 -1.68 4.71 -20.37
CA ARG A 42 -1.66 4.73 -20.40
C ARG A 42 -2.11 3.66 -21.41
C ARG A 42 -2.11 3.66 -21.41
N THR A 43 -1.37 3.54 -22.52
CA THR A 43 -1.68 2.55 -23.55
C THR A 43 -1.72 1.14 -22.96
N ALA A 44 -0.68 0.81 -22.17
CA ALA A 44 -0.55 -0.51 -21.64
C ALA A 44 -1.79 -0.85 -20.81
N ILE A 45 -2.14 0.04 -19.87
CA ILE A 45 -3.22 -0.28 -18.94
C ILE A 45 -4.59 -0.15 -19.66
N ALA A 46 -4.82 0.99 -20.33
CA ALA A 46 -6.17 1.28 -20.84
C ALA A 46 -6.49 0.48 -22.09
N GLU A 47 -5.53 0.26 -22.99
N GLU A 47 -5.50 0.23 -22.96
CA GLU A 47 -5.80 -0.46 -24.22
CA GLU A 47 -5.76 -0.41 -24.26
C GLU A 47 -5.41 -1.94 -24.10
C GLU A 47 -5.25 -1.85 -24.36
N ALA A 48 -4.19 -2.22 -23.61
CA ALA A 48 -3.65 -3.57 -23.73
C ALA A 48 -3.96 -4.46 -22.53
N GLY A 49 -4.62 -3.92 -21.49
CA GLY A 49 -5.01 -4.76 -20.38
C GLY A 49 -3.90 -5.03 -19.35
N TYR A 50 -2.81 -4.27 -19.41
CA TYR A 50 -1.78 -4.45 -18.36
C TYR A 50 -2.30 -3.97 -17.01
N ARG A 51 -1.92 -4.66 -15.93
CA ARG A 51 -2.33 -4.31 -14.59
C ARG A 51 -1.12 -4.22 -13.67
N HIS A 52 0.07 -4.05 -14.27
CA HIS A 52 1.33 -4.07 -13.53
C HIS A 52 2.30 -3.11 -14.23
N VAL A 53 2.86 -2.17 -13.48
CA VAL A 53 3.87 -1.24 -13.98
C VAL A 53 5.07 -1.33 -13.07
N ASP A 54 6.26 -1.39 -13.67
CA ASP A 54 7.53 -1.46 -12.96
C ASP A 54 8.32 -0.20 -13.23
N THR A 55 8.68 0.53 -12.17
CA THR A 55 9.48 1.75 -12.34
C THR A 55 10.45 1.88 -11.15
N ALA A 56 11.08 3.07 -11.05
CA ALA A 56 12.11 3.30 -10.04
C ALA A 56 12.47 4.78 -10.03
N ALA A 57 12.82 5.32 -8.86
CA ALA A 57 13.23 6.71 -8.81
C ALA A 57 14.40 6.98 -9.75
N GLN A 58 15.38 6.06 -9.76
N GLN A 58 15.38 6.08 -9.80
CA GLN A 58 16.65 6.20 -10.49
CA GLN A 58 16.61 6.33 -10.52
C GLN A 58 16.38 6.27 -11.98
C GLN A 58 16.40 6.21 -12.02
N TYR A 59 15.25 5.72 -12.49
CA TYR A 59 14.93 5.82 -13.92
C TYR A 59 14.65 7.24 -14.35
N GLY A 60 14.27 8.14 -13.44
CA GLY A 60 14.02 9.51 -13.81
C GLY A 60 12.63 9.73 -14.43
N VAL A 61 11.75 8.73 -14.49
CA VAL A 61 10.50 8.76 -15.24
C VAL A 61 9.27 8.72 -14.33
N GLU A 62 9.47 8.75 -13.00
CA GLU A 62 8.33 8.54 -12.11
C GLU A 62 7.26 9.60 -12.27
N LYS A 63 7.61 10.86 -12.51
CA LYS A 63 6.56 11.87 -12.65
C LYS A 63 5.69 11.53 -13.87
N GLU A 64 6.34 11.07 -14.95
CA GLU A 64 5.61 10.67 -16.15
C GLU A 64 4.76 9.43 -15.93
N VAL A 65 5.28 8.44 -15.24
CA VAL A 65 4.50 7.29 -14.84
C VAL A 65 3.26 7.74 -14.08
N GLY A 66 3.42 8.67 -13.17
CA GLY A 66 2.30 9.25 -12.41
C GLY A 66 1.20 9.81 -13.33
N ARG A 67 1.62 10.56 -14.36
CA ARG A 67 0.66 11.13 -15.31
C ARG A 67 -0.07 10.03 -16.05
N GLY A 68 0.67 8.99 -16.44
CA GLY A 68 0.07 7.90 -17.20
C GLY A 68 -0.93 7.11 -16.38
N LEU A 69 -0.55 6.79 -15.12
CA LEU A 69 -1.42 6.08 -14.21
C LEU A 69 -2.70 6.90 -13.95
N LYS A 70 -2.54 8.20 -13.77
CA LYS A 70 -3.70 9.06 -13.48
C LYS A 70 -4.66 9.01 -14.68
N ALA A 71 -4.13 9.15 -15.90
CA ALA A 71 -4.97 9.03 -17.09
C ALA A 71 -5.64 7.68 -17.18
N ALA A 72 -4.89 6.61 -16.88
CA ALA A 72 -5.45 5.26 -17.00
C ALA A 72 -6.57 5.01 -16.02
N MET A 73 -6.57 5.71 -14.86
CA MET A 73 -7.55 5.46 -13.81
C MET A 73 -8.74 6.40 -14.00
N GLU A 74 -8.70 7.32 -14.95
CA GLU A 74 -9.78 8.28 -15.12
C GLU A 74 -11.04 7.60 -15.63
N GLY A 75 -10.87 6.50 -16.36
CA GLY A 75 -12.01 5.72 -16.83
C GLY A 75 -12.35 4.58 -15.88
N GLY A 76 -12.28 4.80 -14.57
CA GLY A 76 -12.90 3.89 -13.62
C GLY A 76 -12.02 2.74 -13.11
N ILE A 77 -11.02 2.25 -13.90
CA ILE A 77 -10.07 1.25 -13.40
C ILE A 77 -9.67 1.63 -11.97
N ASN A 78 -9.85 0.71 -11.04
CA ASN A 78 -9.62 0.98 -9.63
C ASN A 78 -8.14 0.84 -9.33
N ARG A 79 -7.67 1.56 -8.31
CA ARG A 79 -6.30 1.43 -7.86
C ARG A 79 -5.96 0.02 -7.41
N LYS A 80 -6.88 -0.66 -6.72
CA LYS A 80 -6.64 -1.99 -6.23
C LYS A 80 -6.38 -3.00 -7.34
N ASP A 81 -6.82 -2.70 -8.55
CA ASP A 81 -6.64 -3.61 -9.68
C ASP A 81 -5.29 -3.39 -10.36
N LEU A 82 -4.52 -2.39 -9.92
CA LEU A 82 -3.20 -2.14 -10.49
C LEU A 82 -2.13 -2.51 -9.48
N PHE A 83 -0.96 -2.93 -10.00
CA PHE A 83 0.18 -3.32 -9.23
C PHE A 83 1.34 -2.44 -9.65
N VAL A 84 1.75 -1.54 -8.74
CA VAL A 84 2.80 -0.56 -9.05
C VAL A 84 4.00 -0.81 -8.16
N THR A 85 5.17 -0.97 -8.79
CA THR A 85 6.46 -1.18 -8.13
C THR A 85 7.36 0.01 -8.35
N SER A 86 8.01 0.42 -7.23
CA SER A 86 9.17 1.31 -7.34
C SER A 86 10.35 0.72 -6.57
N LYS A 87 11.46 1.43 -6.59
CA LYS A 87 12.72 0.96 -6.03
C LYS A 87 13.44 2.10 -5.32
N LEU A 88 14.10 1.72 -4.22
CA LEU A 88 14.93 2.58 -3.39
C LEU A 88 16.35 2.55 -3.92
N TRP A 89 16.80 3.71 -4.39
CA TRP A 89 18.13 3.83 -4.97
C TRP A 89 19.27 3.76 -3.94
N CYS A 90 20.42 3.33 -4.45
CA CYS A 90 21.64 3.17 -3.68
C CYS A 90 22.01 4.35 -2.77
N THR A 91 21.79 5.58 -3.21
CA THR A 91 22.17 6.73 -2.40
C THR A 91 21.29 6.86 -1.16
N GLU A 92 20.12 6.22 -1.19
CA GLU A 92 19.10 6.36 -0.17
C GLU A 92 19.10 5.14 0.76
N LEU A 93 20.08 4.24 0.64
CA LEU A 93 20.11 3.01 1.43
C LEU A 93 20.74 3.26 2.80
N ALA A 94 20.05 4.09 3.58
CA ALA A 94 20.42 4.31 4.97
C ALA A 94 19.08 4.42 5.68
N PRO A 95 18.94 3.96 6.94
CA PRO A 95 17.63 4.02 7.57
C PRO A 95 16.89 5.34 7.49
N ASP A 96 17.56 6.46 7.77
CA ASP A 96 16.90 7.75 7.78
C ASP A 96 16.61 8.34 6.39
N ARG A 97 17.01 7.65 5.33
N ARG A 97 17.03 7.64 5.34
CA ARG A 97 16.76 8.15 3.97
CA ARG A 97 16.86 8.07 3.95
C ARG A 97 15.63 7.37 3.29
C ARG A 97 15.66 7.38 3.31
N VAL A 98 15.18 6.29 3.91
CA VAL A 98 14.13 5.46 3.30
C VAL A 98 12.84 6.26 3.13
N ARG A 99 12.38 6.93 4.19
CA ARG A 99 11.05 7.56 4.10
C ARG A 99 11.05 8.78 3.18
N PRO A 100 12.04 9.69 3.22
CA PRO A 100 12.06 10.78 2.26
C PRO A 100 12.05 10.30 0.80
N ALA A 101 12.76 9.19 0.55
CA ALA A 101 12.81 8.64 -0.80
C ALA A 101 11.42 8.14 -1.22
N LEU A 102 10.75 7.39 -0.34
CA LEU A 102 9.41 6.90 -0.62
C LEU A 102 8.43 8.04 -0.81
N GLU A 103 8.53 9.08 0.03
CA GLU A 103 7.63 10.23 -0.09
C GLU A 103 7.73 10.86 -1.49
N LYS A 104 8.96 11.04 -1.96
CA LYS A 104 9.17 11.66 -3.26
C LYS A 104 8.64 10.74 -4.37
N THR A 105 8.91 9.45 -4.27
CA THR A 105 8.37 8.48 -5.23
C THR A 105 6.85 8.53 -5.27
N LEU A 106 6.20 8.54 -4.10
CA LEU A 106 4.75 8.57 -4.06
C LEU A 106 4.20 9.88 -4.64
N LYS A 107 4.88 10.98 -4.34
CA LYS A 107 4.46 12.26 -4.88
C LYS A 107 4.58 12.30 -6.41
N ASP A 108 5.69 11.80 -6.94
CA ASP A 108 5.91 11.75 -8.38
C ASP A 108 4.88 10.84 -9.08
N LEU A 109 4.60 9.67 -8.51
CA LEU A 109 3.63 8.75 -9.05
C LEU A 109 2.17 9.15 -8.81
N GLN A 110 1.94 10.19 -8.01
CA GLN A 110 0.60 10.63 -7.63
C GLN A 110 -0.18 9.50 -6.98
N LEU A 111 0.52 8.69 -6.16
CA LEU A 111 -0.04 7.56 -5.48
C LEU A 111 0.03 7.75 -3.97
N ASP A 112 -0.80 7.00 -3.25
CA ASP A 112 -0.75 6.99 -1.80
C ASP A 112 -0.09 5.77 -1.17
N TYR A 113 0.03 4.69 -1.95
CA TYR A 113 0.74 3.49 -1.55
C TYR A 113 1.38 2.88 -2.80
N LEU A 114 2.40 2.06 -2.55
CA LEU A 114 2.98 1.18 -3.58
C LEU A 114 2.53 -0.25 -3.32
N ASP A 115 2.39 -1.04 -4.39
CA ASP A 115 2.22 -2.48 -4.20
C ASP A 115 3.53 -3.15 -3.78
N LEU A 116 4.65 -2.64 -4.31
CA LEU A 116 5.93 -3.27 -4.11
C LEU A 116 7.02 -2.20 -4.08
N TYR A 117 7.92 -2.28 -3.08
CA TYR A 117 9.04 -1.36 -2.97
C TYR A 117 10.28 -2.22 -2.79
N LEU A 118 11.25 -2.05 -3.69
CA LEU A 118 12.40 -2.96 -3.83
C LEU A 118 13.71 -2.21 -3.58
N ILE A 119 14.61 -2.85 -2.84
CA ILE A 119 16.00 -2.39 -2.80
C ILE A 119 16.56 -2.49 -4.21
N HIS A 120 17.00 -1.38 -4.83
CA HIS A 120 17.34 -1.45 -6.24
C HIS A 120 18.62 -2.27 -6.49
N TRP A 121 19.62 -2.07 -5.62
CA TRP A 121 20.85 -2.83 -5.56
C TRP A 121 21.30 -2.89 -4.10
N PRO A 122 21.91 -3.99 -3.64
CA PRO A 122 22.37 -4.08 -2.25
C PRO A 122 23.71 -3.39 -2.02
N PHE A 123 23.78 -2.13 -2.44
CA PHE A 123 25.01 -1.37 -2.31
C PHE A 123 24.64 0.06 -2.01
N ARG A 124 25.33 0.68 -1.03
CA ARG A 124 25.10 2.09 -0.72
C ARG A 124 26.16 2.96 -1.38
N LEU A 125 25.71 4.03 -2.08
CA LEU A 125 26.55 4.97 -2.77
C LEU A 125 26.49 6.30 -2.02
N LYS A 126 27.62 6.98 -2.00
CA LYS A 126 27.68 8.33 -1.49
C LYS A 126 26.94 9.24 -2.44
N ASP A 127 26.39 10.31 -1.89
CA ASP A 127 25.88 11.40 -2.68
C ASP A 127 26.94 11.90 -3.67
N GLY A 128 26.50 12.14 -4.91
CA GLY A 128 27.34 12.63 -5.98
C GLY A 128 28.36 11.59 -6.45
N ALA A 129 28.07 10.29 -6.24
CA ALA A 129 28.98 9.26 -6.70
C ALA A 129 29.16 9.32 -8.21
N HIS A 130 30.38 9.02 -8.63
CA HIS A 130 30.74 8.96 -10.03
C HIS A 130 30.56 7.54 -10.59
N MET A 131 30.61 7.45 -11.93
CA MET A 131 30.59 6.17 -12.62
C MET A 131 31.77 6.03 -13.56
N PRO A 132 32.74 5.13 -13.34
CA PRO A 132 32.81 4.27 -12.17
C PRO A 132 33.08 5.05 -10.89
N PRO A 133 32.77 4.45 -9.73
CA PRO A 133 32.91 5.16 -8.47
C PRO A 133 34.35 5.48 -8.14
N GLU A 134 34.57 6.65 -7.57
CA GLU A 134 35.89 7.03 -7.09
C GLU A 134 36.14 6.37 -5.74
N ALA A 135 37.38 6.49 -5.25
CA ALA A 135 37.69 6.01 -3.92
C ALA A 135 36.71 6.62 -2.90
N GLY A 136 36.20 5.77 -2.02
CA GLY A 136 35.38 6.18 -0.90
C GLY A 136 33.89 6.28 -1.24
N GLU A 137 33.50 6.03 -2.50
CA GLU A 137 32.14 6.39 -2.89
C GLU A 137 31.15 5.24 -2.72
N VAL A 138 31.65 4.01 -2.58
CA VAL A 138 30.82 2.88 -2.18
C VAL A 138 30.94 2.75 -0.66
N LEU A 139 29.80 2.91 0.03
CA LEU A 139 29.74 3.04 1.50
C LEU A 139 29.31 1.71 2.10
N GLU A 140 29.51 1.54 3.41
CA GLU A 140 29.02 0.33 4.07
C GLU A 140 27.49 0.35 4.12
N LEU A 141 26.86 -0.76 3.71
CA LEU A 141 25.41 -0.88 3.75
C LEU A 141 24.96 -1.57 5.05
N ASP A 142 24.13 -0.86 5.84
CA ASP A 142 23.43 -1.49 6.95
C ASP A 142 22.15 -2.15 6.42
N MET A 143 22.28 -3.38 5.93
CA MET A 143 21.20 -4.05 5.22
C MET A 143 20.07 -4.26 6.23
N GLU A 144 20.45 -4.66 7.45
CA GLU A 144 19.45 -5.05 8.45
C GLU A 144 18.65 -3.83 8.85
N GLY A 145 19.31 -2.69 9.07
CA GLY A 145 18.68 -1.43 9.46
C GLY A 145 17.74 -0.85 8.37
N VAL A 146 18.23 -0.87 7.11
CA VAL A 146 17.41 -0.44 6.00
C VAL A 146 16.19 -1.34 5.91
N TRP A 147 16.36 -2.67 5.97
CA TRP A 147 15.21 -3.57 5.88
C TRP A 147 14.19 -3.30 6.99
N ARG A 148 14.68 -3.08 8.23
CA ARG A 148 13.79 -2.79 9.34
C ARG A 148 12.92 -1.57 9.05
N GLU A 149 13.50 -0.52 8.49
CA GLU A 149 12.76 0.68 8.13
C GLU A 149 11.72 0.35 7.03
N MET A 150 12.11 -0.47 6.05
CA MET A 150 11.17 -0.87 5.00
CA MET A 150 11.21 -0.92 4.99
C MET A 150 10.02 -1.67 5.59
N GLU A 151 10.28 -2.53 6.60
CA GLU A 151 9.20 -3.26 7.25
C GLU A 151 8.21 -2.31 7.91
N GLY A 152 8.69 -1.17 8.40
CA GLY A 152 7.81 -0.17 8.93
C GLY A 152 6.87 0.46 7.91
N LEU A 153 7.35 0.52 6.64
CA LEU A 153 6.48 1.01 5.57
C LEU A 153 5.29 0.10 5.39
N VAL A 154 5.50 -1.20 5.49
CA VAL A 154 4.42 -2.16 5.36
C VAL A 154 3.44 -2.03 6.53
N LYS A 155 3.97 -1.93 7.75
CA LYS A 155 3.13 -1.83 8.95
C LYS A 155 2.22 -0.61 8.82
N ASP A 156 2.77 0.50 8.27
CA ASP A 156 2.02 1.74 8.11
C ASP A 156 1.07 1.75 6.90
N GLY A 157 1.12 0.70 6.04
CA GLY A 157 0.27 0.64 4.85
C GLY A 157 0.77 1.45 3.65
N LEU A 158 1.96 2.01 3.71
CA LEU A 158 2.49 2.82 2.61
C LEU A 158 2.95 1.93 1.47
N VAL A 159 3.32 0.67 1.79
N VAL A 159 3.37 0.70 1.77
CA VAL A 159 3.81 -0.32 0.84
CA VAL A 159 3.72 -0.25 0.74
C VAL A 159 3.13 -1.65 1.17
C VAL A 159 3.09 -1.59 1.14
N LYS A 160 2.56 -2.34 0.17
CA LYS A 160 1.86 -3.58 0.44
C LYS A 160 2.83 -4.76 0.61
N ASP A 161 4.02 -4.70 -0.02
CA ASP A 161 5.00 -5.75 0.00
C ASP A 161 6.35 -5.09 -0.29
N ILE A 162 7.41 -5.66 0.30
CA ILE A 162 8.78 -5.18 0.07
C ILE A 162 9.62 -6.32 -0.48
N GLY A 163 10.70 -5.96 -1.20
CA GLY A 163 11.58 -6.96 -1.78
C GLY A 163 12.90 -6.35 -2.19
N VAL A 164 13.62 -7.10 -3.02
CA VAL A 164 14.96 -6.76 -3.42
C VAL A 164 15.16 -7.01 -4.89
N CYS A 165 16.26 -6.38 -5.39
CA CYS A 165 16.75 -6.68 -6.72
C CYS A 165 18.25 -6.96 -6.65
N ASN A 166 18.77 -7.73 -7.61
CA ASN A 166 20.20 -7.84 -7.81
C ASN A 166 20.93 -8.40 -6.57
N TYR A 167 20.33 -9.43 -6.01
CA TYR A 167 20.93 -10.16 -4.90
C TYR A 167 21.78 -11.33 -5.39
N THR A 168 22.47 -11.92 -4.39
CA THR A 168 23.19 -13.20 -4.50
C THR A 168 22.63 -14.17 -3.46
N VAL A 169 22.99 -15.43 -3.61
CA VAL A 169 22.56 -16.40 -2.60
C VAL A 169 23.07 -15.96 -1.22
N ALA A 170 24.34 -15.59 -1.12
CA ALA A 170 24.90 -15.17 0.17
C ALA A 170 24.11 -14.00 0.78
N LYS A 171 23.79 -13.00 -0.05
CA LYS A 171 23.08 -11.83 0.45
C LYS A 171 21.63 -12.16 0.82
N LEU A 172 20.97 -13.04 0.09
CA LEU A 172 19.64 -13.50 0.46
C LEU A 172 19.69 -14.21 1.82
N ASN A 173 20.72 -15.03 2.03
CA ASN A 173 20.82 -15.71 3.32
C ASN A 173 20.97 -14.67 4.45
N ARG A 174 21.81 -13.66 4.26
CA ARG A 174 22.01 -12.59 5.24
C ARG A 174 20.66 -11.94 5.55
N LEU A 175 19.88 -11.62 4.50
CA LEU A 175 18.63 -10.92 4.70
C LEU A 175 17.62 -11.79 5.42
N MET A 176 17.54 -13.07 5.06
CA MET A 176 16.53 -13.95 5.61
C MET A 176 16.81 -14.22 7.09
N ARG A 177 18.05 -14.02 7.52
CA ARG A 177 18.44 -14.25 8.90
C ARG A 177 17.97 -13.11 9.79
N SER A 178 17.70 -11.93 9.22
CA SER A 178 17.31 -10.74 9.99
C SER A 178 15.84 -10.37 9.82
N ALA A 179 15.24 -10.69 8.67
CA ALA A 179 13.95 -10.15 8.26
C ALA A 179 12.85 -10.71 9.15
N ASN A 180 11.99 -9.82 9.64
CA ASN A 180 10.70 -10.24 10.20
C ASN A 180 9.66 -10.48 9.11
N VAL A 181 9.72 -9.68 8.04
CA VAL A 181 8.84 -9.80 6.88
C VAL A 181 9.81 -10.18 5.77
N PRO A 182 9.84 -11.42 5.25
CA PRO A 182 10.82 -11.79 4.23
C PRO A 182 10.52 -11.06 2.93
N PRO A 183 11.54 -10.86 2.03
CA PRO A 183 11.24 -10.22 0.76
C PRO A 183 10.19 -10.99 0.00
N ALA A 184 9.19 -10.29 -0.50
CA ALA A 184 8.13 -10.89 -1.29
C ALA A 184 8.68 -11.32 -2.64
N VAL A 185 9.57 -10.49 -3.20
CA VAL A 185 10.02 -10.59 -4.58
C VAL A 185 11.52 -10.34 -4.59
N CYS A 186 12.20 -11.06 -5.47
CA CYS A 186 13.60 -10.83 -5.82
C CYS A 186 13.64 -10.68 -7.33
N GLN A 187 13.86 -9.43 -7.79
CA GLN A 187 13.85 -9.08 -9.20
C GLN A 187 15.27 -9.13 -9.75
N MET A 188 15.46 -9.95 -10.78
CA MET A 188 16.76 -10.30 -11.31
C MET A 188 16.72 -10.30 -12.82
N GLU A 189 17.88 -9.98 -13.41
CA GLU A 189 18.05 -10.17 -14.86
C GLU A 189 17.87 -11.65 -15.23
N MET A 190 16.88 -11.96 -16.09
CA MET A 190 16.76 -13.33 -16.54
C MET A 190 16.20 -13.31 -17.95
N HIS A 191 16.77 -14.18 -18.81
CA HIS A 191 16.40 -14.31 -20.21
C HIS A 191 17.18 -15.48 -20.75
N PRO A 192 16.86 -16.02 -21.95
CA PRO A 192 17.79 -17.01 -22.49
C PRO A 192 19.18 -16.42 -22.55
N GLY A 193 20.20 -17.21 -22.23
CA GLY A 193 21.56 -16.68 -22.20
C GLY A 193 21.99 -16.06 -20.88
N TRP A 194 21.01 -15.87 -19.94
CA TRP A 194 21.34 -15.51 -18.56
C TRP A 194 20.17 -15.94 -17.70
N LYS A 195 20.14 -17.25 -17.41
CA LYS A 195 19.02 -17.84 -16.67
C LYS A 195 19.11 -17.59 -15.16
N ASN A 196 20.32 -17.50 -14.62
CA ASN A 196 20.58 -17.39 -13.19
C ASN A 196 19.72 -18.41 -12.41
N ASP A 197 19.82 -19.67 -12.82
CA ASP A 197 19.18 -20.78 -12.10
C ASP A 197 19.60 -20.80 -10.64
N ARG A 198 20.83 -20.37 -10.33
CA ARG A 198 21.32 -20.39 -8.96
C ARG A 198 20.46 -19.48 -8.08
N ILE A 199 20.25 -18.21 -8.50
CA ILE A 199 19.39 -17.36 -7.69
C ILE A 199 17.95 -17.86 -7.69
N PHE A 200 17.48 -18.42 -8.80
N PHE A 200 17.46 -18.40 -8.80
CA PHE A 200 16.08 -18.84 -8.91
CA PHE A 200 16.08 -18.85 -8.85
C PHE A 200 15.79 -19.95 -7.90
C PHE A 200 15.88 -19.89 -7.76
N GLU A 201 16.74 -20.90 -7.76
CA GLU A 201 16.60 -22.00 -6.81
C GLU A 201 16.62 -21.51 -5.37
N ALA A 202 17.54 -20.56 -5.07
CA ALA A 202 17.59 -19.98 -3.74
C ALA A 202 16.27 -19.30 -3.38
N CYS A 203 15.66 -18.58 -4.34
CA CYS A 203 14.44 -17.86 -4.06
C CYS A 203 13.32 -18.87 -3.86
N LYS A 204 13.28 -19.90 -4.72
CA LYS A 204 12.23 -20.91 -4.60
C LYS A 204 12.25 -21.58 -3.22
N LYS A 205 13.43 -21.87 -2.72
CA LYS A 205 13.55 -22.53 -1.42
C LYS A 205 13.10 -21.63 -0.27
N HIS A 206 13.35 -20.32 -0.41
CA HIS A 206 12.99 -19.36 0.62
C HIS A 206 11.56 -18.85 0.43
N GLY A 207 10.82 -19.29 -0.59
CA GLY A 207 9.45 -18.91 -0.88
C GLY A 207 9.30 -17.47 -1.45
N ILE A 208 10.36 -17.02 -2.14
CA ILE A 208 10.41 -15.68 -2.72
C ILE A 208 10.07 -15.75 -4.21
N HIS A 209 9.12 -14.91 -4.66
CA HIS A 209 8.75 -14.82 -6.08
C HIS A 209 9.86 -14.09 -6.85
N VAL A 210 10.13 -14.60 -8.06
CA VAL A 210 11.09 -13.94 -8.93
C VAL A 210 10.40 -13.23 -10.08
N THR A 211 10.76 -11.94 -10.27
CA THR A 211 10.43 -11.18 -11.47
C THR A 211 11.66 -11.07 -12.34
N ALA A 212 11.53 -11.40 -13.61
CA ALA A 212 12.62 -11.28 -14.57
C ALA A 212 12.65 -9.88 -15.16
N TYR A 213 13.71 -9.13 -14.88
CA TYR A 213 13.99 -7.90 -15.61
C TYR A 213 14.85 -8.22 -16.82
N SER A 214 14.84 -7.27 -17.77
CA SER A 214 15.48 -7.44 -19.09
C SER A 214 15.09 -8.78 -19.70
N PRO A 215 13.78 -9.16 -19.72
CA PRO A 215 13.40 -10.48 -20.21
C PRO A 215 13.63 -10.68 -21.69
N LEU A 216 13.82 -9.59 -22.43
CA LEU A 216 14.09 -9.66 -23.87
C LEU A 216 15.59 -9.53 -24.17
N GLY A 217 16.41 -9.44 -23.12
CA GLY A 217 17.82 -9.16 -23.30
C GLY A 217 18.16 -7.67 -23.28
N SER A 218 17.19 -6.83 -22.87
CA SER A 218 17.33 -5.38 -22.86
C SER A 218 17.54 -4.84 -24.27
N SER A 219 17.86 -3.55 -24.41
CA SER A 219 18.30 -2.99 -25.68
C SER A 219 19.66 -3.58 -26.12
N GLU A 220 20.56 -3.73 -25.16
CA GLU A 220 21.95 -4.07 -25.38
C GLU A 220 22.13 -5.42 -26.06
N LYS A 221 21.37 -6.43 -25.63
CA LYS A 221 21.55 -7.78 -26.15
C LYS A 221 20.20 -8.38 -26.48
N ASN A 222 19.37 -7.59 -27.10
CA ASN A 222 18.03 -7.99 -27.46
C ASN A 222 18.06 -9.30 -28.24
N LEU A 223 17.19 -10.23 -27.83
CA LEU A 223 17.18 -11.58 -28.39
C LEU A 223 16.12 -11.79 -29.48
N ALA A 224 15.41 -10.73 -29.92
CA ALA A 224 14.33 -10.91 -30.87
C ALA A 224 14.84 -11.41 -32.23
N HIS A 225 16.13 -11.24 -32.52
CA HIS A 225 16.68 -11.70 -33.81
C HIS A 225 17.67 -12.82 -33.55
N ASP A 226 17.56 -13.51 -32.41
CA ASP A 226 18.37 -14.69 -32.18
C ASP A 226 17.83 -15.82 -33.04
N PRO A 227 18.67 -16.62 -33.74
CA PRO A 227 18.15 -17.63 -34.67
C PRO A 227 17.22 -18.70 -34.07
N LEU A 228 17.54 -19.20 -32.86
CA LEU A 228 16.68 -20.20 -32.26
C LEU A 228 15.34 -19.58 -31.87
N VAL A 229 15.39 -18.37 -31.29
CA VAL A 229 14.17 -17.68 -30.92
C VAL A 229 13.29 -17.50 -32.16
N GLU A 230 13.89 -17.06 -33.26
CA GLU A 230 13.20 -16.85 -34.52
C GLU A 230 12.58 -18.15 -35.04
N LYS A 231 13.29 -19.27 -34.90
CA LYS A 231 12.78 -20.56 -35.37
C LYS A 231 11.53 -20.96 -34.58
N VAL A 232 11.58 -20.77 -33.26
CA VAL A 232 10.47 -21.14 -32.41
C VAL A 232 9.28 -20.23 -32.70
N ALA A 233 9.55 -18.92 -32.83
CA ALA A 233 8.54 -17.97 -33.25
C ALA A 233 7.86 -18.40 -34.55
N ASN A 234 8.68 -18.73 -35.56
CA ASN A 234 8.21 -19.22 -36.85
C ASN A 234 7.30 -20.44 -36.66
N LYS A 235 7.78 -21.43 -35.90
CA LYS A 235 7.09 -22.69 -35.69
C LYS A 235 5.74 -22.48 -35.03
N LEU A 236 5.64 -21.52 -34.08
CA LEU A 236 4.42 -21.37 -33.31
C LEU A 236 3.53 -20.25 -33.83
N ASP A 237 3.97 -19.52 -34.86
CA ASP A 237 3.27 -18.36 -35.37
C ASP A 237 3.01 -17.32 -34.25
N LYS A 238 4.09 -17.03 -33.56
CA LYS A 238 4.14 -15.95 -32.58
C LYS A 238 5.34 -15.04 -32.87
N THR A 239 5.37 -13.86 -32.20
CA THR A 239 6.51 -12.99 -32.34
C THR A 239 7.66 -13.50 -31.50
N PRO A 240 8.90 -13.13 -31.88
CA PRO A 240 10.03 -13.42 -31.03
C PRO A 240 9.85 -12.93 -29.58
N GLY A 241 9.34 -11.71 -29.44
CA GLY A 241 9.11 -11.18 -28.10
C GLY A 241 8.14 -12.06 -27.29
N GLN A 242 7.04 -12.50 -27.94
CA GLN A 242 6.10 -13.40 -27.29
C GLN A 242 6.76 -14.70 -26.82
N VAL A 243 7.62 -15.23 -27.70
CA VAL A 243 8.35 -16.45 -27.30
C VAL A 243 9.21 -16.24 -26.08
N LEU A 244 9.99 -15.14 -26.08
CA LEU A 244 10.87 -14.85 -24.95
C LEU A 244 10.08 -14.70 -23.63
N LEU A 245 8.93 -14.04 -23.74
CA LEU A 245 8.10 -13.79 -22.55
C LEU A 245 7.37 -15.03 -22.08
N ARG A 246 6.87 -15.83 -23.02
CA ARG A 246 6.18 -17.05 -22.65
C ARG A 246 7.14 -18.05 -22.00
N TRP A 247 8.38 -18.09 -22.53
CA TRP A 247 9.43 -18.92 -21.95
C TRP A 247 9.59 -18.61 -20.47
N ALA A 248 9.66 -17.31 -20.14
CA ALA A 248 9.83 -16.91 -18.75
C ALA A 248 8.64 -17.35 -17.89
N LEU A 249 7.41 -17.19 -18.42
CA LEU A 249 6.27 -17.60 -17.64
C LEU A 249 6.33 -19.11 -17.38
N GLN A 250 6.78 -19.86 -18.37
CA GLN A 250 6.86 -21.32 -18.16
C GLN A 250 7.92 -21.69 -17.15
N ARG A 251 8.96 -20.87 -16.93
CA ARG A 251 9.89 -21.10 -15.85
C ARG A 251 9.34 -20.72 -14.47
N GLY A 252 8.28 -19.93 -14.43
CA GLY A 252 7.63 -19.53 -13.19
C GLY A 252 8.06 -18.15 -12.71
N THR A 253 8.56 -17.28 -13.61
CA THR A 253 8.87 -15.90 -13.23
C THR A 253 7.82 -15.00 -13.82
N SER A 254 7.53 -13.86 -13.17
CA SER A 254 6.84 -12.77 -13.83
C SER A 254 7.84 -12.06 -14.74
N VAL A 255 7.33 -11.22 -15.62
CA VAL A 255 8.13 -10.50 -16.61
C VAL A 255 7.64 -9.07 -16.72
N ILE A 256 8.62 -8.18 -16.96
CA ILE A 256 8.34 -6.74 -17.04
C ILE A 256 8.95 -6.14 -18.30
N PRO A 257 8.59 -6.65 -19.49
CA PRO A 257 9.10 -6.10 -20.74
C PRO A 257 8.83 -4.61 -20.90
N LYS A 258 9.82 -3.85 -21.37
CA LYS A 258 9.66 -2.44 -21.66
C LYS A 258 9.48 -2.21 -23.14
N SER A 259 8.50 -1.38 -23.48
CA SER A 259 8.41 -0.83 -24.83
C SER A 259 7.76 0.53 -24.79
N THR A 260 8.15 1.37 -25.76
CA THR A 260 7.49 2.63 -26.01
C THR A 260 6.73 2.57 -27.34
N ARG A 261 6.64 1.41 -27.98
CA ARG A 261 5.88 1.27 -29.23
C ARG A 261 4.55 0.57 -28.93
N ASP A 262 3.47 1.23 -29.29
CA ASP A 262 2.13 0.73 -29.03
C ASP A 262 1.96 -0.72 -29.49
N GLU A 263 2.44 -1.07 -30.68
CA GLU A 263 2.14 -2.39 -31.19
C GLU A 263 2.87 -3.45 -30.37
N ARG A 264 4.08 -3.14 -29.91
CA ARG A 264 4.80 -4.12 -29.09
C ARG A 264 4.20 -4.23 -27.69
N ILE A 265 3.79 -3.10 -27.12
CA ILE A 265 3.12 -3.11 -25.83
C ILE A 265 1.95 -4.09 -25.88
N LYS A 266 1.13 -3.96 -26.94
CA LYS A 266 -0.04 -4.83 -27.08
C LYS A 266 0.35 -6.28 -27.31
N GLU A 267 1.33 -6.53 -28.17
CA GLU A 267 1.75 -7.89 -28.49
C GLU A 267 2.33 -8.61 -27.28
N ASN A 268 3.13 -7.86 -26.48
CA ASN A 268 3.98 -8.45 -25.45
C ASN A 268 3.16 -9.10 -24.35
N ILE A 269 1.86 -8.75 -24.17
CA ILE A 269 1.05 -9.32 -23.11
C ILE A 269 0.22 -10.49 -23.68
N GLN A 270 0.35 -10.82 -24.98
CA GLN A 270 -0.45 -11.90 -25.57
C GLN A 270 0.32 -13.22 -25.46
N VAL A 271 0.58 -13.59 -24.22
CA VAL A 271 1.41 -14.73 -23.90
C VAL A 271 0.62 -15.73 -23.05
N PHE A 272 -0.73 -15.70 -23.15
CA PHE A 272 -1.60 -16.60 -22.41
C PHE A 272 -2.50 -17.40 -23.35
N GLY A 273 -2.77 -18.65 -22.93
CA GLY A 273 -3.68 -19.53 -23.64
C GLY A 273 -3.00 -20.29 -24.79
N TRP A 274 -1.67 -20.24 -24.85
CA TRP A 274 -0.88 -21.01 -25.79
C TRP A 274 0.45 -21.30 -25.11
N GLU A 275 1.19 -22.30 -25.59
CA GLU A 275 2.40 -22.67 -24.89
C GLU A 275 3.53 -23.01 -25.85
N ILE A 276 4.74 -22.89 -25.32
CA ILE A 276 5.90 -23.35 -26.03
C ILE A 276 6.04 -24.86 -25.74
N PRO A 277 6.11 -25.71 -26.79
CA PRO A 277 6.35 -27.14 -26.52
C PRO A 277 7.62 -27.41 -25.73
N GLU A 278 7.64 -28.49 -24.97
CA GLU A 278 8.77 -28.81 -24.11
C GLU A 278 10.08 -28.85 -24.89
N GLU A 279 10.11 -29.40 -26.11
CA GLU A 279 11.38 -29.55 -26.78
C GLU A 279 11.92 -28.18 -27.16
N ASP A 280 11.02 -27.24 -27.48
CA ASP A 280 11.45 -25.89 -27.82
C ASP A 280 11.89 -25.11 -26.56
N PHE A 281 11.15 -25.33 -25.49
CA PHE A 281 11.50 -24.74 -24.19
C PHE A 281 12.90 -25.18 -23.77
N ARG A 282 13.19 -26.49 -23.95
CA ARG A 282 14.46 -27.05 -23.55
C ARG A 282 15.59 -26.45 -24.42
N ALA A 283 15.34 -26.28 -25.72
CA ALA A 283 16.34 -25.71 -26.58
C ALA A 283 16.67 -24.27 -26.18
N LEU A 284 15.65 -23.51 -25.77
CA LEU A 284 15.90 -22.14 -25.34
C LEU A 284 16.66 -22.09 -24.01
N CSO A 285 16.34 -23.04 -23.12
CA CSO A 285 17.07 -23.21 -21.87
CB CSO A 285 16.45 -24.25 -21.00
SG CSO A 285 14.85 -23.78 -20.30
C CSO A 285 18.52 -23.62 -22.16
O CSO A 285 19.40 -23.30 -21.38
OD CSO A 285 15.07 -22.94 -18.85
N GLY A 286 18.73 -24.28 -23.31
CA GLY A 286 20.05 -24.74 -23.70
C GLY A 286 21.02 -23.65 -24.15
N ILE A 287 20.54 -22.45 -24.50
CA ILE A 287 21.43 -21.35 -24.82
C ILE A 287 22.34 -21.09 -23.64
N LYS A 288 23.67 -21.03 -23.89
CA LYS A 288 24.61 -20.92 -22.79
C LYS A 288 24.49 -19.59 -22.06
N ASP A 289 24.76 -19.61 -20.75
CA ASP A 289 24.69 -18.45 -19.87
C ASP A 289 25.88 -17.47 -19.98
N GLU A 290 26.00 -16.78 -21.10
N GLU A 290 25.89 -16.63 -21.02
CA GLU A 290 27.21 -16.03 -21.36
CA GLU A 290 26.98 -15.71 -21.33
C GLU A 290 27.48 -15.11 -20.17
C GLU A 290 26.49 -14.40 -21.95
N LYS A 291 27.14 -13.84 -20.34
N LYS A 291 25.22 -14.07 -21.69
CA LYS A 291 27.40 -12.89 -19.30
CA LYS A 291 24.59 -12.89 -22.27
C LYS A 291 26.18 -12.01 -19.15
C LYS A 291 24.01 -11.99 -21.18
N ARG A 292 26.10 -11.25 -18.07
N ARG A 292 24.73 -11.88 -20.05
CA ARG A 292 24.87 -10.47 -17.89
CA ARG A 292 24.44 -10.93 -18.99
C ARG A 292 24.95 -9.15 -18.66
C ARG A 292 24.75 -9.51 -19.44
N VAL A 293 23.77 -8.69 -19.13
CA VAL A 293 23.70 -7.36 -19.65
C VAL A 293 24.06 -6.34 -18.58
N LEU A 294 23.56 -6.49 -17.34
CA LEU A 294 23.75 -5.51 -16.28
C LEU A 294 24.66 -6.09 -15.19
N THR A 295 25.96 -5.80 -15.27
CA THR A 295 26.94 -6.36 -14.34
C THR A 295 27.06 -5.55 -13.08
N GLY A 296 26.78 -4.25 -13.14
CA GLY A 296 26.95 -3.40 -11.98
C GLY A 296 28.35 -2.79 -11.90
N GLU A 297 29.22 -3.12 -12.86
CA GLU A 297 30.61 -2.69 -12.78
C GLU A 297 30.71 -1.17 -12.73
N GLU A 298 29.98 -0.47 -13.58
CA GLU A 298 30.15 0.98 -13.63
C GLU A 298 29.53 1.68 -12.43
N LEU A 299 28.70 0.97 -11.63
CA LEU A 299 28.12 1.54 -10.44
C LEU A 299 29.01 1.35 -9.21
N PHE A 300 29.63 0.16 -9.12
CA PHE A 300 30.19 -0.24 -7.83
C PHE A 300 31.67 -0.62 -7.87
N VAL A 301 32.23 -0.80 -9.06
CA VAL A 301 33.60 -1.35 -9.14
C VAL A 301 34.60 -0.22 -9.33
N ASN A 302 35.60 -0.22 -8.44
CA ASN A 302 36.77 0.64 -8.56
C ASN A 302 37.95 -0.33 -8.69
N LYS A 303 38.51 -0.45 -9.90
CA LYS A 303 39.47 -1.50 -10.22
C LYS A 303 40.80 -1.21 -9.53
N THR A 304 41.09 0.05 -9.23
CA THR A 304 42.40 0.45 -8.69
C THR A 304 42.39 0.40 -7.17
N HIS A 305 41.27 0.78 -6.54
CA HIS A 305 41.22 0.99 -5.08
C HIS A 305 40.16 0.16 -4.36
N GLY A 306 39.28 -0.53 -5.10
CA GLY A 306 38.22 -1.27 -4.43
C GLY A 306 37.25 -0.35 -3.70
N PRO A 307 36.39 -0.83 -2.78
CA PRO A 307 36.45 -2.18 -2.25
C PRO A 307 36.03 -3.31 -3.17
N TYR A 308 35.25 -3.01 -4.22
CA TYR A 308 34.95 -4.02 -5.20
C TYR A 308 35.86 -3.82 -6.40
N LYS A 309 36.82 -4.71 -6.63
CA LYS A 309 37.80 -4.51 -7.70
C LYS A 309 37.40 -5.16 -9.03
N SER A 310 36.38 -6.02 -9.04
CA SER A 310 35.90 -6.61 -10.28
C SER A 310 34.42 -6.93 -10.15
N ALA A 311 33.75 -7.06 -11.29
CA ALA A 311 32.34 -7.39 -11.34
C ALA A 311 32.05 -8.63 -10.51
N THR A 312 32.93 -9.66 -10.57
CA THR A 312 32.61 -10.91 -9.90
C THR A 312 32.41 -10.64 -8.40
N GLU A 313 33.07 -9.64 -7.82
CA GLU A 313 32.90 -9.31 -6.41
C GLU A 313 31.50 -8.76 -6.11
N VAL A 314 30.90 -8.04 -7.07
CA VAL A 314 29.55 -7.55 -6.91
C VAL A 314 28.58 -8.73 -6.73
N TRP A 315 28.89 -9.89 -7.33
CA TRP A 315 28.04 -11.08 -7.33
C TRP A 315 28.61 -12.19 -6.41
N ASP A 316 29.47 -11.78 -5.48
CA ASP A 316 29.98 -12.69 -4.45
C ASP A 316 30.64 -13.93 -5.06
N HIS A 317 31.25 -13.77 -6.23
CA HIS A 317 31.87 -14.84 -6.99
C HIS A 317 30.90 -15.98 -7.32
N GLU A 318 29.58 -15.75 -7.32
CA GLU A 318 28.61 -16.78 -7.65
C GLU A 318 28.29 -16.90 -9.14
N ASP A 319 28.89 -15.98 -9.94
N ASP A 319 29.01 -16.22 -10.02
CA ASP A 319 28.57 -15.69 -11.34
CA ASP A 319 28.92 -16.60 -11.42
C ASP A 319 29.54 -16.41 -12.28
C ASP A 319 30.00 -17.64 -11.71
N GLY B 13 -21.18 22.21 11.65
CA GLY B 13 -21.94 20.95 11.56
C GLY B 13 -21.32 19.91 12.50
N HIS B 14 -22.18 19.30 13.33
CA HIS B 14 -21.76 18.33 14.34
C HIS B 14 -22.93 17.42 14.70
N PHE B 15 -22.57 16.31 15.34
CA PHE B 15 -23.48 15.37 15.98
C PHE B 15 -23.25 15.42 17.48
N VAL B 16 -24.20 14.89 18.23
CA VAL B 16 -24.16 14.91 19.68
C VAL B 16 -24.00 13.47 20.17
N LEU B 17 -22.96 13.21 20.97
CA LEU B 17 -22.79 11.91 21.59
C LEU B 17 -23.65 11.85 22.84
N LYS B 18 -23.92 10.66 23.34
N LYS B 18 -23.89 10.63 23.36
CA LYS B 18 -24.83 10.58 24.47
CA LYS B 18 -24.76 10.42 24.52
C LYS B 18 -24.25 11.31 25.69
C LYS B 18 -24.21 11.07 25.80
N SER B 19 -22.90 11.33 25.82
CA SER B 19 -22.23 12.06 26.90
C SER B 19 -22.53 13.56 26.88
N GLY B 20 -23.15 14.03 25.79
CA GLY B 20 -23.43 15.44 25.51
C GLY B 20 -22.30 16.13 24.77
N HIS B 21 -21.15 15.45 24.63
CA HIS B 21 -20.05 16.01 23.88
C HIS B 21 -20.41 16.00 22.39
N THR B 22 -19.98 17.02 21.65
CA THR B 22 -20.27 17.13 20.23
C THR B 22 -19.09 16.57 19.43
N ILE B 23 -19.40 15.96 18.30
CA ILE B 23 -18.39 15.49 17.37
C ILE B 23 -18.57 16.25 16.06
N PRO B 24 -17.54 16.95 15.56
CA PRO B 24 -17.71 17.64 14.28
C PRO B 24 -17.98 16.69 13.14
N ALA B 25 -18.90 17.09 12.24
CA ALA B 25 -19.41 16.21 11.19
C ALA B 25 -18.30 15.72 10.25
N VAL B 26 -17.32 16.59 9.96
CA VAL B 26 -16.21 16.28 9.07
C VAL B 26 -14.92 16.31 9.87
N GLY B 27 -14.13 15.21 9.77
CA GLY B 27 -12.79 15.18 10.29
C GLY B 27 -11.76 14.78 9.21
N LEU B 28 -10.50 14.98 9.52
CA LEU B 28 -9.40 14.59 8.63
C LEU B 28 -8.92 13.20 9.03
N GLY B 29 -9.02 12.25 8.09
CA GLY B 29 -8.38 10.96 8.28
C GLY B 29 -6.87 11.02 8.00
N THR B 30 -6.12 10.12 8.65
CA THR B 30 -4.65 10.20 8.62
C THR B 30 -3.96 8.89 8.26
N TRP B 31 -4.71 7.81 7.96
CA TRP B 31 -4.06 6.58 7.56
C TRP B 31 -3.36 6.80 6.21
N ARG B 32 -2.08 6.39 6.17
CA ARG B 32 -1.26 6.52 4.95
C ARG B 32 -0.96 7.96 4.61
N ALA B 33 -0.99 8.88 5.58
CA ALA B 33 -0.61 10.25 5.30
C ALA B 33 0.90 10.42 5.36
N GLY B 34 1.61 9.44 5.93
CA GLY B 34 3.07 9.38 5.85
C GLY B 34 3.73 10.68 6.26
N SER B 35 4.79 11.08 5.52
CA SER B 35 5.59 12.22 5.90
C SER B 35 4.90 13.55 5.59
N ASP B 36 3.70 13.54 5.02
CA ASP B 36 2.90 14.73 4.86
C ASP B 36 1.83 14.86 5.95
N THR B 37 1.85 14.00 6.98
CA THR B 37 0.83 14.07 8.02
C THR B 37 0.77 15.44 8.69
N ALA B 38 1.90 15.93 9.21
CA ALA B 38 1.89 17.15 10.03
C ALA B 38 1.35 18.33 9.24
N HIS B 39 1.85 18.48 8.02
CA HIS B 39 1.37 19.54 7.15
C HIS B 39 -0.13 19.44 6.87
N SER B 40 -0.62 18.21 6.60
CA SER B 40 -2.01 17.99 6.29
C SER B 40 -2.88 18.41 7.48
N VAL B 41 -2.48 17.97 8.68
CA VAL B 41 -3.24 18.31 9.88
C VAL B 41 -3.27 19.83 10.11
N ARG B 42 -2.11 20.48 9.94
CA ARG B 42 -2.05 21.92 10.17
C ARG B 42 -2.92 22.65 9.16
N THR B 43 -2.81 22.28 7.88
CA THR B 43 -3.60 22.86 6.80
C THR B 43 -5.09 22.69 7.06
N ALA B 44 -5.53 21.47 7.41
CA ALA B 44 -6.93 21.20 7.60
C ALA B 44 -7.51 22.12 8.69
N ILE B 45 -6.81 22.23 9.82
CA ILE B 45 -7.35 22.97 10.96
C ILE B 45 -7.19 24.47 10.73
N ALA B 46 -5.99 24.92 10.36
CA ALA B 46 -5.70 26.36 10.35
C ALA B 46 -6.25 27.03 9.10
N GLU B 47 -6.26 26.34 7.96
CA GLU B 47 -6.72 26.93 6.71
C GLU B 47 -8.11 26.50 6.26
N ALA B 48 -8.52 25.27 6.57
CA ALA B 48 -9.76 24.75 6.02
C ALA B 48 -10.88 24.63 7.05
N GLY B 49 -10.60 24.97 8.32
CA GLY B 49 -11.66 24.99 9.33
C GLY B 49 -12.02 23.64 9.93
N TYR B 50 -11.18 22.60 9.68
CA TYR B 50 -11.46 21.32 10.30
C TYR B 50 -11.30 21.47 11.82
N ARG B 51 -12.18 20.76 12.53
CA ARG B 51 -12.14 20.73 14.00
C ARG B 51 -12.09 19.30 14.52
N HIS B 52 -11.75 18.34 13.66
CA HIS B 52 -11.79 16.93 14.02
C HIS B 52 -10.65 16.26 13.27
N VAL B 53 -9.82 15.47 13.97
CA VAL B 53 -8.79 14.67 13.34
C VAL B 53 -8.91 13.23 13.83
N ASP B 54 -8.83 12.27 12.90
CA ASP B 54 -8.96 10.85 13.22
C ASP B 54 -7.61 10.20 12.98
N THR B 55 -7.05 9.54 14.00
CA THR B 55 -5.77 8.86 13.86
C THR B 55 -5.79 7.56 14.67
N ALA B 56 -4.60 6.92 14.78
CA ALA B 56 -4.48 5.67 15.51
C ALA B 56 -3.01 5.36 15.67
N ALA B 57 -2.70 4.67 16.78
CA ALA B 57 -1.34 4.23 16.99
C ALA B 57 -0.83 3.38 15.82
N GLN B 58 -1.67 2.44 15.33
CA GLN B 58 -1.20 1.51 14.31
C GLN B 58 -0.93 2.19 12.98
N TYR B 59 -1.45 3.41 12.77
CA TYR B 59 -1.15 4.14 11.53
C TYR B 59 0.33 4.57 11.46
N GLY B 60 0.99 4.67 12.61
CA GLY B 60 2.41 5.03 12.61
C GLY B 60 2.64 6.53 12.43
N VAL B 61 1.60 7.36 12.50
CA VAL B 61 1.65 8.79 12.17
C VAL B 61 1.40 9.70 13.38
N GLU B 62 1.20 9.13 14.57
CA GLU B 62 0.76 9.95 15.69
C GLU B 62 1.78 11.03 16.10
N LYS B 63 3.11 10.76 16.01
CA LYS B 63 4.05 11.83 16.33
C LYS B 63 3.88 13.01 15.37
N GLU B 64 3.63 12.71 14.09
CA GLU B 64 3.45 13.77 13.09
C GLU B 64 2.12 14.47 13.29
N VAL B 65 1.07 13.74 13.70
CA VAL B 65 -0.19 14.41 14.02
C VAL B 65 0.04 15.35 15.20
N GLY B 66 0.88 14.96 16.17
CA GLY B 66 1.14 15.79 17.32
C GLY B 66 1.80 17.11 16.91
N ARG B 67 2.74 17.04 15.95
CA ARG B 67 3.40 18.26 15.48
C ARG B 67 2.41 19.17 14.75
N GLY B 68 1.54 18.57 13.92
CA GLY B 68 0.52 19.33 13.26
C GLY B 68 -0.48 20.03 14.16
N LEU B 69 -0.96 19.30 15.18
CA LEU B 69 -1.89 19.86 16.14
C LEU B 69 -1.23 20.99 16.92
N LYS B 70 0.04 20.80 17.28
CA LYS B 70 0.74 21.84 18.06
C LYS B 70 0.78 23.12 17.23
N ALA B 71 1.19 22.97 15.97
CA ALA B 71 1.29 24.15 15.10
C ALA B 71 -0.07 24.82 15.01
N ALA B 72 -1.12 24.02 14.82
CA ALA B 72 -2.45 24.56 14.60
C ALA B 72 -2.93 25.35 15.82
N MET B 73 -2.59 24.88 17.02
CA MET B 73 -3.03 25.50 18.25
C MET B 73 -2.17 26.73 18.56
N GLU B 74 -0.94 26.73 18.09
CA GLU B 74 -0.02 27.86 18.34
C GLU B 74 -0.62 29.12 17.75
N GLY B 75 -1.44 28.91 16.71
CA GLY B 75 -2.00 29.98 15.92
C GLY B 75 -3.33 30.52 16.44
N GLY B 76 -3.77 30.07 17.64
N GLY B 76 -3.81 30.04 17.60
CA GLY B 76 -4.93 30.64 18.31
CA GLY B 76 -4.92 30.67 18.30
C GLY B 76 -5.84 29.58 18.93
C GLY B 76 -6.21 29.83 18.30
N ILE B 77 -6.07 28.51 18.17
CA ILE B 77 -7.21 27.62 18.32
C ILE B 77 -7.10 26.87 19.63
N ASN B 78 -8.20 26.88 20.40
CA ASN B 78 -8.19 26.26 21.72
C ASN B 78 -8.32 24.73 21.55
N ARG B 79 -7.63 23.99 22.42
CA ARG B 79 -7.78 22.54 22.44
C ARG B 79 -9.26 22.13 22.52
N LYS B 80 -10.10 22.83 23.31
CA LYS B 80 -11.47 22.41 23.51
C LYS B 80 -12.25 22.48 22.18
N ASP B 81 -11.75 23.28 21.21
CA ASP B 81 -12.44 23.41 19.94
C ASP B 81 -12.05 22.30 18.96
N LEU B 82 -11.11 21.43 19.34
CA LEU B 82 -10.66 20.32 18.51
C LEU B 82 -11.18 19.02 19.07
N PHE B 83 -11.46 18.08 18.14
CA PHE B 83 -11.90 16.73 18.47
C PHE B 83 -10.85 15.77 17.94
N VAL B 84 -10.09 15.12 18.84
CA VAL B 84 -9.01 14.21 18.44
C VAL B 84 -9.35 12.78 18.87
N THR B 85 -9.35 11.89 17.89
CA THR B 85 -9.62 10.47 18.08
C THR B 85 -8.32 9.67 17.91
N SER B 86 -8.08 8.69 18.78
CA SER B 86 -7.10 7.64 18.54
C SER B 86 -7.75 6.28 18.82
N LYS B 87 -6.98 5.20 18.60
CA LYS B 87 -7.48 3.85 18.62
C LYS B 87 -6.43 2.99 19.31
N LEU B 88 -6.97 2.01 20.05
CA LEU B 88 -6.21 0.99 20.78
C LEU B 88 -6.08 -0.23 19.89
N TRP B 89 -4.82 -0.55 19.54
CA TRP B 89 -4.52 -1.62 18.59
C TRP B 89 -4.70 -3.03 19.19
N CYS B 90 -4.97 -3.99 18.28
CA CYS B 90 -5.18 -5.39 18.62
C CYS B 90 -4.17 -5.99 19.60
N THR B 91 -2.86 -5.67 19.48
CA THR B 91 -1.85 -6.22 20.36
C THR B 91 -2.00 -5.71 21.80
N GLU B 92 -2.69 -4.55 21.98
CA GLU B 92 -2.84 -3.91 23.27
C GLU B 92 -4.22 -4.16 23.89
N LEU B 93 -4.99 -5.12 23.35
CA LEU B 93 -6.33 -5.40 23.87
C LEU B 93 -6.30 -6.42 24.99
N ALA B 94 -5.71 -6.00 26.10
CA ALA B 94 -5.71 -6.68 27.38
C ALA B 94 -5.80 -5.60 28.44
N PRO B 95 -6.49 -5.84 29.57
CA PRO B 95 -6.66 -4.80 30.56
C PRO B 95 -5.38 -4.09 31.00
N ASP B 96 -4.28 -4.84 31.20
CA ASP B 96 -3.06 -4.21 31.67
C ASP B 96 -2.26 -3.52 30.57
N ARG B 97 -2.72 -3.60 29.30
CA ARG B 97 -2.02 -2.92 28.21
C ARG B 97 -2.71 -1.62 27.80
N VAL B 98 -3.91 -1.37 28.32
CA VAL B 98 -4.70 -0.22 27.86
C VAL B 98 -3.96 1.10 28.20
N ARG B 99 -3.63 1.28 29.50
CA ARG B 99 -3.03 2.52 29.94
C ARG B 99 -1.66 2.76 29.30
N PRO B 100 -0.71 1.79 29.24
CA PRO B 100 0.56 2.09 28.58
C PRO B 100 0.35 2.55 27.14
N ALA B 101 -0.62 1.95 26.45
CA ALA B 101 -0.89 2.31 25.07
C ALA B 101 -1.44 3.73 24.95
N LEU B 102 -2.37 4.10 25.84
CA LEU B 102 -2.90 5.45 25.83
C LEU B 102 -1.81 6.46 26.16
N GLU B 103 -0.94 6.16 27.14
CA GLU B 103 0.15 7.02 27.52
C GLU B 103 1.05 7.33 26.33
N LYS B 104 1.35 6.30 25.53
CA LYS B 104 2.25 6.51 24.40
C LYS B 104 1.55 7.35 23.34
N THR B 105 0.28 7.03 23.09
CA THR B 105 -0.51 7.83 22.16
C THR B 105 -0.54 9.30 22.56
N LEU B 106 -0.83 9.58 23.83
CA LEU B 106 -0.90 10.95 24.31
C LEU B 106 0.46 11.62 24.16
N LYS B 107 1.56 10.91 24.46
CA LYS B 107 2.88 11.52 24.36
C LYS B 107 3.21 11.85 22.90
N ASP B 108 2.89 10.92 21.99
CA ASP B 108 3.14 11.14 20.57
C ASP B 108 2.32 12.29 20.02
N LEU B 109 1.05 12.38 20.44
CA LEU B 109 0.18 13.46 20.02
C LEU B 109 0.45 14.80 20.73
N GLN B 110 1.30 14.77 21.76
CA GLN B 110 1.60 15.94 22.57
C GLN B 110 0.31 16.49 23.21
N LEU B 111 -0.58 15.58 23.62
CA LEU B 111 -1.86 15.97 24.21
C LEU B 111 -1.95 15.41 25.64
N ASP B 112 -2.89 15.96 26.41
CA ASP B 112 -3.20 15.55 27.77
C ASP B 112 -4.48 14.77 27.86
N TYR B 113 -5.36 14.85 26.84
CA TYR B 113 -6.55 14.04 26.81
C TYR B 113 -6.94 13.79 25.34
N LEU B 114 -7.67 12.68 25.10
CA LEU B 114 -8.29 12.44 23.81
C LEU B 114 -9.76 12.78 23.87
N ASP B 115 -10.40 13.21 22.77
CA ASP B 115 -11.84 13.32 22.77
C ASP B 115 -12.48 11.94 22.63
N LEU B 116 -11.79 11.01 21.95
CA LEU B 116 -12.39 9.72 21.66
C LEU B 116 -11.29 8.67 21.53
N TYR B 117 -11.50 7.53 22.21
CA TYR B 117 -10.56 6.42 22.14
C TYR B 117 -11.33 5.17 21.79
N LEU B 118 -10.96 4.54 20.67
CA LEU B 118 -11.74 3.44 20.08
C LEU B 118 -10.95 2.14 20.08
N ILE B 119 -11.64 1.05 20.39
CA ILE B 119 -11.11 -0.28 20.08
C ILE B 119 -10.96 -0.37 18.56
N HIS B 120 -9.75 -0.60 18.03
CA HIS B 120 -9.53 -0.50 16.59
C HIS B 120 -10.25 -1.65 15.86
N TRP B 121 -10.11 -2.85 16.43
CA TRP B 121 -10.77 -4.07 15.96
C TRP B 121 -11.07 -4.94 17.17
N PRO B 122 -12.20 -5.67 17.21
CA PRO B 122 -12.49 -6.55 18.33
C PRO B 122 -11.78 -7.90 18.22
N PHE B 123 -10.45 -7.85 18.04
CA PHE B 123 -9.62 -9.04 17.91
C PHE B 123 -8.29 -8.76 18.58
N ARG B 124 -7.84 -9.64 19.49
CA ARG B 124 -6.55 -9.51 20.12
C ARG B 124 -5.51 -10.28 19.33
N LEU B 125 -4.39 -9.63 19.07
CA LEU B 125 -3.27 -10.25 18.36
C LEU B 125 -2.08 -10.42 19.29
N LYS B 126 -1.36 -11.55 19.12
CA LYS B 126 -0.10 -11.77 19.76
C LYS B 126 0.93 -10.78 19.26
N ASP B 127 1.83 -10.37 20.15
CA ASP B 127 2.93 -9.52 19.75
C ASP B 127 3.69 -10.20 18.62
N GLY B 128 4.16 -9.39 17.68
CA GLY B 128 4.92 -9.89 16.55
C GLY B 128 4.05 -10.69 15.58
N ALA B 129 2.73 -10.42 15.55
CA ALA B 129 1.86 -11.18 14.67
C ALA B 129 2.19 -10.88 13.21
N HIS B 130 1.92 -11.87 12.35
CA HIS B 130 2.19 -11.78 10.92
C HIS B 130 0.90 -11.49 10.18
N MET B 131 1.06 -11.12 8.90
CA MET B 131 -0.04 -10.96 7.98
C MET B 131 0.17 -11.79 6.72
N PRO B 132 -0.65 -12.82 6.44
CA PRO B 132 -1.76 -13.24 7.30
C PRO B 132 -1.26 -13.91 8.57
N PRO B 133 -2.08 -14.03 9.63
CA PRO B 133 -1.61 -14.51 10.90
C PRO B 133 -1.26 -15.99 10.87
N GLU B 134 -0.25 -16.32 11.64
CA GLU B 134 0.14 -17.71 11.81
C GLU B 134 -0.82 -18.34 12.82
N ALA B 135 -0.77 -19.67 12.92
CA ALA B 135 -1.49 -20.37 13.97
C ALA B 135 -1.12 -19.82 15.33
N GLY B 136 -2.16 -19.64 16.16
CA GLY B 136 -1.99 -19.20 17.54
C GLY B 136 -1.87 -17.69 17.69
N GLU B 137 -1.81 -16.90 16.60
CA GLU B 137 -1.50 -15.49 16.76
C GLU B 137 -2.76 -14.68 17.07
N VAL B 138 -3.95 -15.24 16.86
CA VAL B 138 -5.18 -14.57 17.28
C VAL B 138 -5.56 -15.09 18.65
N LEU B 139 -5.58 -14.20 19.65
CA LEU B 139 -5.66 -14.58 21.06
C LEU B 139 -7.10 -14.32 21.57
N GLU B 140 -7.45 -14.88 22.74
CA GLU B 140 -8.76 -14.62 23.33
C GLU B 140 -8.89 -13.17 23.79
N LEU B 141 -9.91 -12.45 23.29
CA LEU B 141 -10.19 -11.10 23.78
C LEU B 141 -11.11 -11.11 25.00
N ASP B 142 -10.62 -10.51 26.07
CA ASP B 142 -11.41 -10.19 27.24
C ASP B 142 -12.08 -8.85 26.99
N MET B 143 -13.15 -8.88 26.22
CA MET B 143 -13.78 -7.66 25.73
C MET B 143 -14.32 -6.87 26.90
N GLU B 144 -14.95 -7.58 27.86
CA GLU B 144 -15.52 -6.93 29.03
C GLU B 144 -14.46 -6.26 29.89
N GLY B 145 -13.33 -6.93 30.12
CA GLY B 145 -12.26 -6.38 30.94
C GLY B 145 -11.54 -5.22 30.28
N VAL B 146 -11.33 -5.32 28.97
CA VAL B 146 -10.76 -4.18 28.25
C VAL B 146 -11.72 -2.99 28.33
N TRP B 147 -13.01 -3.19 28.16
CA TRP B 147 -13.96 -2.10 28.20
C TRP B 147 -13.99 -1.47 29.59
N ARG B 148 -13.93 -2.29 30.65
CA ARG B 148 -13.95 -1.72 32.00
C ARG B 148 -12.74 -0.80 32.21
N GLU B 149 -11.58 -1.20 31.69
CA GLU B 149 -10.39 -0.38 31.81
C GLU B 149 -10.55 0.92 31.03
N MET B 150 -11.14 0.84 29.84
CA MET B 150 -11.40 2.05 29.05
C MET B 150 -12.39 2.94 29.77
N GLU B 151 -13.39 2.37 30.47
CA GLU B 151 -14.32 3.21 31.22
C GLU B 151 -13.60 4.00 32.34
N GLY B 152 -12.55 3.41 32.90
CA GLY B 152 -11.73 4.09 33.91
C GLY B 152 -11.01 5.30 33.31
N LEU B 153 -10.62 5.20 32.02
CA LEU B 153 -10.01 6.36 31.36
C LEU B 153 -10.95 7.55 31.35
N VAL B 154 -12.24 7.30 31.10
CA VAL B 154 -13.24 8.37 31.08
C VAL B 154 -13.39 8.96 32.48
N LYS B 155 -13.43 8.10 33.50
CA LYS B 155 -13.61 8.59 34.87
C LYS B 155 -12.47 9.54 35.24
N ASP B 156 -11.26 9.18 34.81
CA ASP B 156 -10.06 9.95 35.15
C ASP B 156 -9.84 11.19 34.28
N GLY B 157 -10.64 11.34 33.23
CA GLY B 157 -10.57 12.51 32.37
C GLY B 157 -9.49 12.40 31.29
N LEU B 158 -8.89 11.22 31.12
CA LEU B 158 -7.85 11.03 30.11
C LEU B 158 -8.43 10.91 28.71
N VAL B 159 -9.68 10.46 28.60
CA VAL B 159 -10.40 10.44 27.34
C VAL B 159 -11.82 10.93 27.63
N LYS B 160 -12.41 11.71 26.72
CA LYS B 160 -13.75 12.25 26.98
C LYS B 160 -14.89 11.33 26.53
N ASP B 161 -14.57 10.33 25.70
CA ASP B 161 -15.53 9.36 25.24
C ASP B 161 -14.75 8.13 24.76
N ILE B 162 -15.39 6.97 24.85
CA ILE B 162 -14.84 5.73 24.37
C ILE B 162 -15.80 5.11 23.36
N GLY B 163 -15.25 4.31 22.44
CA GLY B 163 -16.09 3.61 21.48
C GLY B 163 -15.34 2.46 20.82
N VAL B 164 -15.87 2.02 19.67
CA VAL B 164 -15.36 0.85 18.98
C VAL B 164 -15.33 1.11 17.48
N CYS B 165 -14.57 0.24 16.79
CA CYS B 165 -14.61 0.15 15.35
C CYS B 165 -14.80 -1.31 14.95
N ASN B 166 -15.32 -1.51 13.75
CA ASN B 166 -15.30 -2.81 13.11
C ASN B 166 -16.05 -3.86 13.94
N TYR B 167 -17.21 -3.47 14.46
CA TYR B 167 -18.05 -4.39 15.22
C TYR B 167 -19.04 -5.07 14.28
N THR B 168 -19.73 -6.03 14.89
CA THR B 168 -20.90 -6.70 14.36
C THR B 168 -22.04 -6.47 15.34
N VAL B 169 -23.25 -6.81 14.91
CA VAL B 169 -24.37 -6.75 15.82
C VAL B 169 -24.18 -7.71 16.99
N ALA B 170 -23.69 -8.92 16.70
CA ALA B 170 -23.42 -9.87 17.77
C ALA B 170 -22.44 -9.30 18.80
N LYS B 171 -21.34 -8.72 18.32
CA LYS B 171 -20.36 -8.20 19.24
C LYS B 171 -20.86 -6.97 19.99
N LEU B 172 -21.66 -6.12 19.33
CA LEU B 172 -22.27 -4.98 20.03
C LEU B 172 -23.13 -5.51 21.18
N ASN B 173 -23.87 -6.59 20.93
CA ASN B 173 -24.75 -7.12 21.97
C ASN B 173 -23.91 -7.67 23.11
N ARG B 174 -22.78 -8.34 22.83
CA ARG B 174 -21.90 -8.78 23.90
C ARG B 174 -21.42 -7.61 24.73
N LEU B 175 -20.92 -6.56 24.07
CA LEU B 175 -20.41 -5.41 24.78
C LEU B 175 -21.48 -4.78 25.67
N MET B 176 -22.67 -4.59 25.11
CA MET B 176 -23.71 -3.87 25.85
C MET B 176 -24.28 -4.70 27.01
N ARG B 177 -24.15 -6.03 26.98
CA ARG B 177 -24.67 -6.85 28.08
C ARG B 177 -23.94 -6.57 29.39
N SER B 178 -22.67 -6.12 29.29
CA SER B 178 -21.76 -5.98 30.41
C SER B 178 -21.38 -4.53 30.71
N ALA B 179 -21.52 -3.64 29.73
CA ALA B 179 -20.96 -2.31 29.80
C ALA B 179 -21.74 -1.47 30.80
N ASN B 180 -21.01 -0.67 31.58
CA ASN B 180 -21.62 0.34 32.43
C ASN B 180 -22.06 1.52 31.59
N VAL B 181 -21.27 1.84 30.56
CA VAL B 181 -21.71 2.82 29.60
C VAL B 181 -21.55 2.27 28.19
N PRO B 182 -22.46 2.68 27.30
CA PRO B 182 -22.38 2.23 25.93
C PRO B 182 -21.28 2.96 25.17
N PRO B 183 -20.80 2.36 24.07
CA PRO B 183 -19.89 3.08 23.21
C PRO B 183 -20.53 4.36 22.71
N ALA B 184 -19.77 5.45 22.71
CA ALA B 184 -20.19 6.74 22.18
C ALA B 184 -20.35 6.67 20.66
N VAL B 185 -19.41 5.93 20.04
CA VAL B 185 -19.23 5.88 18.60
C VAL B 185 -18.94 4.42 18.22
N CYS B 186 -19.42 4.04 17.04
CA CYS B 186 -19.05 2.82 16.33
C CYS B 186 -18.61 3.24 14.94
N GLN B 187 -17.27 3.20 14.70
CA GLN B 187 -16.67 3.65 13.48
C GLN B 187 -16.55 2.45 12.52
N MET B 188 -17.14 2.60 11.32
CA MET B 188 -17.31 1.49 10.40
C MET B 188 -17.03 1.97 8.98
N GLU B 189 -16.58 1.07 8.13
CA GLU B 189 -16.45 1.40 6.71
C GLU B 189 -17.82 1.61 6.11
N MET B 190 -18.04 2.79 5.54
CA MET B 190 -19.32 3.11 4.92
C MET B 190 -19.10 4.06 3.76
N HIS B 191 -19.76 3.77 2.63
CA HIS B 191 -19.71 4.56 1.40
C HIS B 191 -20.72 3.94 0.46
N PRO B 192 -21.10 4.61 -0.65
CA PRO B 192 -21.86 3.89 -1.67
C PRO B 192 -21.14 2.61 -2.04
N GLY B 193 -21.91 1.53 -2.11
CA GLY B 193 -21.31 0.25 -2.42
C GLY B 193 -20.92 -0.56 -1.20
N TRP B 194 -20.90 0.09 -0.01
CA TRP B 194 -20.86 -0.63 1.25
C TRP B 194 -21.54 0.21 2.31
N LYS B 195 -22.87 0.08 2.38
CA LYS B 195 -23.72 0.88 3.27
C LYS B 195 -23.63 0.36 4.71
N ASN B 196 -23.52 -0.95 4.88
CA ASN B 196 -23.68 -1.65 6.13
C ASN B 196 -24.88 -1.14 6.92
N ASP B 197 -26.06 -1.13 6.30
CA ASP B 197 -27.29 -0.76 7.00
C ASP B 197 -27.51 -1.64 8.22
N ARG B 198 -27.03 -2.90 8.21
CA ARG B 198 -27.24 -3.79 9.33
C ARG B 198 -26.60 -3.20 10.60
N ILE B 199 -25.32 -2.83 10.50
CA ILE B 199 -24.67 -2.29 11.71
C ILE B 199 -25.27 -0.93 12.04
N PHE B 200 -25.65 -0.17 11.01
CA PHE B 200 -26.17 1.17 11.21
C PHE B 200 -27.45 1.10 12.04
N GLU B 201 -28.32 0.19 11.67
CA GLU B 201 -29.59 0.08 12.36
C GLU B 201 -29.39 -0.33 13.80
N ALA B 202 -28.47 -1.25 14.07
CA ALA B 202 -28.18 -1.64 15.43
C ALA B 202 -27.66 -0.46 16.25
N CYS B 203 -26.74 0.32 15.68
CA CYS B 203 -26.24 1.48 16.41
C CYS B 203 -27.38 2.47 16.68
N LYS B 204 -28.23 2.70 15.67
CA LYS B 204 -29.33 3.64 15.84
C LYS B 204 -30.24 3.24 17.00
N LYS B 205 -30.49 1.94 17.09
CA LYS B 205 -31.38 1.39 18.09
C LYS B 205 -30.83 1.66 19.48
N HIS B 206 -29.50 1.66 19.60
CA HIS B 206 -28.86 1.83 20.88
C HIS B 206 -28.39 3.26 21.13
N GLY B 207 -28.66 4.21 20.23
CA GLY B 207 -28.25 5.60 20.42
C GLY B 207 -26.76 5.87 20.16
N ILE B 208 -26.09 4.90 19.54
CA ILE B 208 -24.65 4.98 19.28
C ILE B 208 -24.41 5.72 17.97
N HIS B 209 -23.54 6.76 17.99
CA HIS B 209 -23.22 7.54 16.81
C HIS B 209 -22.32 6.72 15.88
N VAL B 210 -22.51 6.81 14.55
CA VAL B 210 -21.63 6.15 13.59
C VAL B 210 -20.81 7.18 12.83
N THR B 211 -19.48 6.94 12.81
CA THR B 211 -18.56 7.60 11.92
C THR B 211 -18.21 6.68 10.77
N ALA B 212 -18.32 7.19 9.54
CA ALA B 212 -17.95 6.44 8.34
C ALA B 212 -16.48 6.61 8.06
N TYR B 213 -15.73 5.51 8.17
CA TYR B 213 -14.36 5.50 7.67
C TYR B 213 -14.40 5.03 6.21
N SER B 214 -13.27 5.30 5.51
CA SER B 214 -13.18 5.10 4.07
C SER B 214 -14.43 5.65 3.37
N PRO B 215 -14.86 6.90 3.64
CA PRO B 215 -16.08 7.43 3.04
C PRO B 215 -16.02 7.65 1.52
N LEU B 216 -14.80 7.73 0.97
CA LEU B 216 -14.60 7.87 -0.48
C LEU B 216 -14.31 6.54 -1.15
N GLY B 217 -14.33 5.42 -0.39
CA GLY B 217 -13.91 4.15 -0.97
C GLY B 217 -12.44 3.87 -0.76
N SER B 218 -11.75 4.64 0.09
CA SER B 218 -10.32 4.53 0.32
C SER B 218 -9.55 4.75 -0.98
N SER B 219 -8.23 4.47 -0.93
CA SER B 219 -7.42 4.51 -2.14
C SER B 219 -7.81 3.38 -3.10
N GLU B 220 -8.04 2.21 -2.53
CA GLU B 220 -8.17 0.99 -3.30
C GLU B 220 -9.39 1.06 -4.22
N LYS B 221 -10.54 1.52 -3.71
CA LYS B 221 -11.76 1.51 -4.49
C LYS B 221 -12.42 2.89 -4.47
N ASN B 222 -11.59 3.90 -4.62
CA ASN B 222 -12.01 5.29 -4.66
C ASN B 222 -13.17 5.47 -5.64
N LEU B 223 -14.19 6.17 -5.19
CA LEU B 223 -15.45 6.27 -5.92
C LEU B 223 -15.59 7.59 -6.68
N ALA B 224 -14.55 8.40 -6.72
CA ALA B 224 -14.66 9.70 -7.38
C ALA B 224 -14.85 9.53 -8.88
N HIS B 225 -14.49 8.37 -9.44
CA HIS B 225 -14.76 8.13 -10.87
C HIS B 225 -15.92 7.20 -11.14
N ASP B 226 -16.72 6.89 -10.13
CA ASP B 226 -17.91 6.12 -10.35
C ASP B 226 -18.83 6.92 -11.29
N PRO B 227 -19.43 6.33 -12.33
CA PRO B 227 -20.23 7.13 -13.27
C PRO B 227 -21.47 7.79 -12.67
N LEU B 228 -22.14 7.14 -11.70
CA LEU B 228 -23.30 7.73 -11.05
C LEU B 228 -22.85 8.88 -10.16
N VAL B 229 -21.73 8.71 -9.45
CA VAL B 229 -21.19 9.74 -8.59
C VAL B 229 -20.87 10.96 -9.45
N GLU B 230 -20.16 10.74 -10.56
CA GLU B 230 -19.80 11.83 -11.45
C GLU B 230 -21.03 12.50 -12.06
N LYS B 231 -22.08 11.74 -12.33
CA LYS B 231 -23.31 12.31 -12.89
C LYS B 231 -23.98 13.22 -11.87
N VAL B 232 -24.09 12.75 -10.60
CA VAL B 232 -24.68 13.58 -9.56
C VAL B 232 -23.82 14.82 -9.35
N ALA B 233 -22.50 14.68 -9.34
CA ALA B 233 -21.61 15.80 -9.13
C ALA B 233 -21.78 16.85 -10.22
N ASN B 234 -21.89 16.40 -11.47
CA ASN B 234 -22.02 17.33 -12.58
C ASN B 234 -23.34 18.09 -12.48
N LYS B 235 -24.41 17.41 -12.12
CA LYS B 235 -25.72 18.02 -11.97
C LYS B 235 -25.78 19.07 -10.85
N LEU B 236 -25.02 18.87 -9.77
CA LEU B 236 -25.09 19.79 -8.62
C LEU B 236 -23.96 20.80 -8.67
N ASP B 237 -23.06 20.70 -9.65
CA ASP B 237 -21.86 21.52 -9.72
C ASP B 237 -21.01 21.39 -8.45
N LYS B 238 -20.84 20.14 -7.97
CA LYS B 238 -19.97 19.86 -6.84
C LYS B 238 -18.88 18.86 -7.26
N THR B 239 -17.83 18.66 -6.44
CA THR B 239 -16.85 17.62 -6.72
C THR B 239 -17.42 16.24 -6.40
N PRO B 240 -16.91 15.18 -7.06
CA PRO B 240 -17.26 13.84 -6.66
C PRO B 240 -17.06 13.60 -5.16
N GLY B 241 -15.94 14.05 -4.63
CA GLY B 241 -15.64 13.92 -3.21
C GLY B 241 -16.75 14.54 -2.36
N GLN B 242 -17.12 15.76 -2.73
CA GLN B 242 -18.20 16.46 -2.03
C GLN B 242 -19.51 15.69 -2.06
N VAL B 243 -19.87 15.12 -3.20
CA VAL B 243 -21.06 14.30 -3.27
C VAL B 243 -21.01 13.10 -2.32
N LEU B 244 -19.87 12.37 -2.34
CA LEU B 244 -19.75 11.19 -1.51
C LEU B 244 -19.90 11.57 -0.02
N LEU B 245 -19.31 12.72 0.35
CA LEU B 245 -19.32 13.10 1.76
C LEU B 245 -20.67 13.64 2.18
N ARG B 246 -21.32 14.42 1.31
CA ARG B 246 -22.65 14.93 1.61
C ARG B 246 -23.65 13.78 1.73
N TRP B 247 -23.51 12.76 0.89
CA TRP B 247 -24.36 11.59 0.99
C TRP B 247 -24.30 10.97 2.38
N ALA B 248 -23.09 10.86 2.93
CA ALA B 248 -22.90 10.25 4.24
C ALA B 248 -23.55 11.11 5.34
N LEU B 249 -23.38 12.45 5.24
CA LEU B 249 -23.97 13.37 6.19
C LEU B 249 -25.48 13.24 6.14
N GLN B 250 -26.05 13.04 4.93
CA GLN B 250 -27.49 12.88 4.81
C GLN B 250 -27.99 11.56 5.40
N ARG B 251 -27.13 10.55 5.48
CA ARG B 251 -27.51 9.33 6.17
C ARG B 251 -27.42 9.44 7.68
N GLY B 252 -26.74 10.46 8.15
CA GLY B 252 -26.57 10.72 9.58
C GLY B 252 -25.26 10.21 10.20
N THR B 253 -24.23 9.98 9.36
CA THR B 253 -22.92 9.60 9.87
C THR B 253 -21.98 10.79 9.78
N SER B 254 -21.03 10.89 10.73
CA SER B 254 -19.89 11.75 10.53
C SER B 254 -18.96 11.08 9.52
N VAL B 255 -18.05 11.87 8.96
CA VAL B 255 -17.14 11.38 7.93
C VAL B 255 -15.71 11.83 8.24
N ILE B 256 -14.74 11.00 7.87
CA ILE B 256 -13.33 11.28 8.15
C ILE B 256 -12.48 11.09 6.89
N PRO B 257 -12.77 11.83 5.81
CA PRO B 257 -11.96 11.71 4.58
C PRO B 257 -10.48 12.05 4.83
N LYS B 258 -9.63 11.21 4.26
CA LYS B 258 -8.19 11.40 4.24
C LYS B 258 -7.71 12.05 2.95
N SER B 259 -6.90 13.10 3.10
CA SER B 259 -6.14 13.64 1.97
C SER B 259 -4.86 14.27 2.49
N THR B 260 -3.81 14.21 1.63
CA THR B 260 -2.55 14.92 1.83
C THR B 260 -2.41 16.05 0.81
N ARG B 261 -3.46 16.31 0.05
CA ARG B 261 -3.43 17.36 -0.98
C ARG B 261 -4.25 18.56 -0.51
N ASP B 262 -3.58 19.71 -0.45
CA ASP B 262 -4.20 20.91 0.11
C ASP B 262 -5.58 21.21 -0.49
N GLU B 263 -5.73 21.14 -1.81
CA GLU B 263 -7.00 21.51 -2.41
C GLU B 263 -8.11 20.52 -2.03
N ARG B 264 -7.80 19.22 -2.00
CA ARG B 264 -8.79 18.25 -1.57
C ARG B 264 -9.16 18.45 -0.10
N ILE B 265 -8.14 18.72 0.75
CA ILE B 265 -8.46 18.98 2.15
C ILE B 265 -9.47 20.12 2.24
N LYS B 266 -9.19 21.21 1.52
CA LYS B 266 -10.07 22.35 1.53
C LYS B 266 -11.46 22.08 0.99
N GLU B 267 -11.55 21.40 -0.16
N GLU B 267 -11.56 21.38 -0.14
CA GLU B 267 -12.83 21.12 -0.80
CA GLU B 267 -12.83 21.15 -0.79
C GLU B 267 -13.69 20.14 0.01
C GLU B 267 -13.69 20.12 -0.03
N ASN B 268 -13.07 19.14 0.63
CA ASN B 268 -13.80 18.03 1.22
C ASN B 268 -14.74 18.47 2.34
N ILE B 269 -14.43 19.60 2.97
CA ILE B 269 -15.23 20.08 4.10
C ILE B 269 -16.32 21.06 3.63
N GLN B 270 -16.39 21.35 2.33
CA GLN B 270 -17.44 22.26 1.84
C GLN B 270 -18.70 21.49 1.47
N VAL B 271 -19.31 20.83 2.48
CA VAL B 271 -20.44 19.93 2.33
C VAL B 271 -21.62 20.38 3.18
N PHE B 272 -21.64 21.68 3.54
CA PHE B 272 -22.74 22.25 4.32
C PHE B 272 -23.45 23.33 3.50
N GLY B 273 -24.75 23.42 3.71
CA GLY B 273 -25.51 24.54 3.17
C GLY B 273 -26.03 24.25 1.76
N TRP B 274 -25.87 23.00 1.31
CA TRP B 274 -26.50 22.48 0.12
C TRP B 274 -26.81 21.00 0.34
N GLU B 275 -27.61 20.41 -0.56
CA GLU B 275 -28.12 19.07 -0.38
C GLU B 275 -28.03 18.28 -1.67
N ILE B 276 -27.92 16.97 -1.52
CA ILE B 276 -28.21 16.07 -2.62
C ILE B 276 -29.72 15.85 -2.64
N PRO B 277 -30.40 16.14 -3.78
CA PRO B 277 -31.81 15.85 -3.89
C PRO B 277 -32.15 14.38 -3.69
N GLU B 278 -33.36 14.14 -3.17
CA GLU B 278 -33.88 12.82 -2.86
C GLU B 278 -33.56 11.79 -3.94
N GLU B 279 -33.82 12.11 -5.20
CA GLU B 279 -33.75 11.12 -6.27
C GLU B 279 -32.29 10.72 -6.48
N ASP B 280 -31.38 11.70 -6.33
CA ASP B 280 -29.96 11.46 -6.49
C ASP B 280 -29.42 10.70 -5.28
N PHE B 281 -29.97 11.02 -4.10
CA PHE B 281 -29.58 10.33 -2.88
C PHE B 281 -30.00 8.86 -2.97
N ARG B 282 -31.23 8.62 -3.43
CA ARG B 282 -31.74 7.28 -3.61
C ARG B 282 -30.91 6.46 -4.60
N ALA B 283 -30.49 7.09 -5.71
CA ALA B 283 -29.74 6.36 -6.72
C ALA B 283 -28.41 5.89 -6.13
N LEU B 284 -27.78 6.76 -5.34
CA LEU B 284 -26.50 6.45 -4.69
C LEU B 284 -26.68 5.31 -3.68
N CSO B 285 -27.78 5.33 -2.92
CA CSO B 285 -28.12 4.24 -2.02
CB CSO B 285 -29.33 4.60 -1.20
SG CSO B 285 -29.13 5.98 -0.03
C CSO B 285 -28.34 2.94 -2.79
O CSO B 285 -28.12 1.84 -2.24
OD CSO B 285 -28.59 5.24 1.37
N GLY B 286 -28.78 3.06 -4.04
CA GLY B 286 -29.07 1.88 -4.84
C GLY B 286 -27.83 1.17 -5.38
N ILE B 287 -26.64 1.79 -5.36
CA ILE B 287 -25.42 1.08 -5.74
C ILE B 287 -25.28 -0.15 -4.84
N LYS B 288 -25.16 -1.33 -5.45
CA LYS B 288 -25.23 -2.55 -4.65
C LYS B 288 -24.05 -2.67 -3.67
N ASP B 289 -24.25 -3.36 -2.55
CA ASP B 289 -23.23 -3.51 -1.51
C ASP B 289 -22.18 -4.57 -1.83
N GLU B 290 -21.22 -4.23 -2.69
CA GLU B 290 -20.22 -5.18 -3.16
C GLU B 290 -18.82 -4.57 -3.21
N LYS B 291 -18.62 -3.42 -2.54
CA LYS B 291 -17.36 -2.71 -2.66
C LYS B 291 -16.70 -2.52 -1.29
N ARG B 292 -16.73 -3.57 -0.43
CA ARG B 292 -16.06 -3.49 0.87
C ARG B 292 -14.54 -3.61 0.74
N VAL B 293 -13.85 -2.60 1.24
CA VAL B 293 -12.42 -2.50 1.04
C VAL B 293 -11.60 -3.18 2.12
N LEU B 294 -12.06 -3.10 3.37
CA LEU B 294 -11.25 -3.53 4.49
C LEU B 294 -11.93 -4.74 5.15
N THR B 295 -11.53 -5.97 4.74
CA THR B 295 -12.25 -7.16 5.18
C THR B 295 -11.66 -7.71 6.47
N GLY B 296 -10.40 -7.42 6.77
CA GLY B 296 -9.79 -8.01 7.96
C GLY B 296 -9.16 -9.38 7.68
N GLU B 297 -9.25 -9.88 6.45
CA GLU B 297 -8.75 -11.23 6.17
C GLU B 297 -7.26 -11.32 6.45
N GLU B 298 -6.48 -10.33 6.03
CA GLU B 298 -5.05 -10.46 6.18
C GLU B 298 -4.59 -10.21 7.61
N LEU B 299 -5.47 -9.70 8.49
CA LEU B 299 -5.10 -9.51 9.88
C LEU B 299 -5.47 -10.72 10.74
N PHE B 300 -6.64 -11.33 10.45
CA PHE B 300 -7.25 -12.25 11.40
C PHE B 300 -7.56 -13.66 10.87
N VAL B 301 -7.45 -13.91 9.56
CA VAL B 301 -7.86 -15.20 9.00
C VAL B 301 -6.65 -16.13 8.81
N ASN B 302 -6.78 -17.32 9.37
CA ASN B 302 -5.90 -18.45 9.10
C ASN B 302 -6.79 -19.60 8.60
N LYS B 303 -6.77 -19.85 7.28
CA LYS B 303 -7.72 -20.77 6.67
C LYS B 303 -7.54 -22.20 7.19
N THR B 304 -6.31 -22.60 7.53
CA THR B 304 -6.00 -23.97 7.88
C THR B 304 -6.31 -24.24 9.35
N HIS B 305 -6.00 -23.29 10.24
CA HIS B 305 -5.96 -23.56 11.68
C HIS B 305 -7.05 -22.79 12.44
N GLY B 306 -7.63 -21.79 11.79
CA GLY B 306 -8.49 -20.85 12.48
C GLY B 306 -7.78 -20.04 13.55
N PRO B 307 -8.50 -19.45 14.52
CA PRO B 307 -9.95 -19.61 14.71
C PRO B 307 -10.88 -18.95 13.70
N TYR B 308 -10.37 -18.03 12.87
CA TYR B 308 -11.18 -17.42 11.83
C TYR B 308 -10.70 -17.97 10.50
N LYS B 309 -11.53 -18.82 9.88
CA LYS B 309 -11.08 -19.58 8.73
C LYS B 309 -11.49 -18.90 7.42
N SER B 310 -12.38 -17.89 7.47
CA SER B 310 -12.77 -17.09 6.32
C SER B 310 -13.14 -15.67 6.77
N ALA B 311 -13.20 -14.73 5.82
CA ALA B 311 -13.54 -13.35 6.12
C ALA B 311 -14.94 -13.26 6.72
N THR B 312 -15.87 -14.14 6.30
CA THR B 312 -17.23 -13.98 6.80
C THR B 312 -17.25 -14.28 8.29
N GLU B 313 -16.28 -15.06 8.80
CA GLU B 313 -16.17 -15.36 10.22
C GLU B 313 -15.79 -14.11 11.03
N VAL B 314 -15.00 -13.23 10.42
CA VAL B 314 -14.59 -11.99 11.09
C VAL B 314 -15.83 -11.14 11.35
N TRP B 315 -16.84 -11.27 10.49
CA TRP B 315 -18.06 -10.48 10.55
C TRP B 315 -19.29 -11.28 11.02
N ASP B 316 -19.04 -12.41 11.71
CA ASP B 316 -20.10 -13.18 12.36
C ASP B 316 -21.17 -13.55 11.36
N HIS B 317 -20.78 -13.78 10.09
CA HIS B 317 -21.71 -14.07 9.01
C HIS B 317 -22.77 -13.01 8.76
N GLU B 318 -22.60 -11.78 9.26
CA GLU B 318 -23.60 -10.74 9.07
C GLU B 318 -23.38 -9.97 7.76
N ASP B 319 -22.31 -10.30 7.05
CA ASP B 319 -21.85 -9.54 5.90
C ASP B 319 -22.47 -10.14 4.65
PA NAP C . 13.66 -5.53 -22.02
O1A NAP C . 12.26 -5.37 -21.58
O2A NAP C . 14.28 -6.87 -21.89
O5B NAP C . 13.88 -5.07 -23.52
C5B NAP C . 13.54 -3.72 -23.93
C4B NAP C . 14.07 -3.54 -25.32
O4B NAP C . 13.38 -4.44 -26.23
C3B NAP C . 13.84 -2.14 -25.89
O3B NAP C . 14.89 -1.86 -26.80
C2B NAP C . 12.50 -2.28 -26.63
O2B NAP C . 12.40 -1.30 -27.64
C1B NAP C . 12.62 -3.70 -27.18
N9A NAP C . 11.37 -4.41 -27.45
C8A NAP C . 10.24 -4.45 -26.64
N7A NAP C . 9.33 -5.30 -27.04
C5A NAP C . 9.90 -5.91 -28.14
C6A NAP C . 9.40 -6.90 -29.01
N6A NAP C . 8.20 -7.45 -28.85
N1A NAP C . 10.20 -7.24 -30.06
C2A NAP C . 11.40 -6.67 -30.17
N3A NAP C . 11.99 -5.73 -29.41
C4A NAP C . 11.15 -5.37 -28.42
O3 NAP C . 14.60 -4.47 -21.25
PN NAP C . 14.77 -3.65 -19.94
O1N NAP C . 16.22 -3.67 -19.60
O2N NAP C . 14.09 -2.35 -20.09
O5D NAP C . 14.06 -4.52 -18.83
C5D NAP C . 12.64 -4.44 -18.54
C4D NAP C . 12.39 -3.62 -17.31
O4D NAP C . 12.92 -4.25 -16.12
C3D NAP C . 12.98 -2.20 -17.28
O3D NAP C . 12.38 -1.27 -18.17
C2D NAP C . 12.78 -1.88 -15.80
O2D NAP C . 11.42 -1.57 -15.53
C1D NAP C . 13.27 -3.22 -15.18
N1N NAP C . 14.71 -3.25 -14.97
C2N NAP C . 15.25 -3.36 -13.71
C3N NAP C . 16.64 -3.35 -13.56
C7N NAP C . 17.02 -3.44 -12.10
O7N NAP C . 16.18 -3.82 -11.29
N7N NAP C . 18.21 -3.05 -11.71
C4N NAP C . 17.45 -3.29 -14.70
C5N NAP C . 16.89 -3.18 -15.98
C6N NAP C . 15.53 -3.21 -16.08
P2B NAP C . 11.19 -0.27 -27.66
O1X NAP C . 11.00 0.35 -26.33
O2X NAP C . 11.77 0.76 -28.68
O3X NAP C . 10.00 -0.94 -28.21
C1 EDO D . 18.82 1.07 -14.60
O1 EDO D . 18.64 0.98 -13.22
C2 EDO D . 18.99 -0.27 -15.16
O2 EDO D . 17.72 -0.96 -15.17
C1 EDO E . 10.62 13.10 -19.63
O1 EDO E . 11.62 14.08 -19.52
C2 EDO E . 11.04 11.71 -19.26
O2 EDO E . 11.50 11.45 -17.93
C1 EDO F . 24.33 0.57 -14.55
O1 EDO F . 24.90 -0.09 -15.63
C2 EDO F . 23.04 1.20 -14.89
O2 EDO F . 22.43 1.85 -13.75
C1 EDO G . 27.43 -0.20 -20.03
O1 EDO G . 26.98 0.93 -20.73
C2 EDO G . 26.23 -0.84 -19.43
O2 EDO G . 25.41 -1.40 -20.45
C1 EDO H . 6.29 9.69 8.66
O1 EDO H . 7.47 8.98 9.06
C2 EDO H . 5.08 9.55 9.56
O2 EDO H . 4.91 8.27 10.01
PA NAP I . -10.88 7.73 2.16
O1A NAP I . -10.84 8.94 3.02
O2A NAP I . -12.16 7.11 1.82
O5B NAP I . -10.15 8.00 0.76
C5B NAP I . -8.82 8.47 0.78
C4B NAP I . -8.31 8.42 -0.64
O4B NAP I . -9.08 9.34 -1.45
C3B NAP I . -6.85 8.81 -0.84
O3B NAP I . -6.33 8.05 -1.93
C2B NAP I . -6.96 10.29 -1.17
O2B NAP I . -5.84 10.76 -1.92
C1B NAP I . -8.22 10.32 -2.01
N9A NAP I . -8.99 11.58 -2.04
C8A NAP I . -9.24 12.42 -0.97
N7A NAP I . -10.06 13.37 -1.25
C5A NAP I . -10.41 13.16 -2.57
C6A NAP I . -11.26 13.88 -3.42
N6A NAP I . -11.96 14.96 -3.05
N1A NAP I . -11.43 13.39 -4.67
C2A NAP I . -10.76 12.29 -5.01
N3A NAP I . -9.87 11.57 -4.32
C4A NAP I . -9.79 12.04 -3.06
O3 NAP I . -9.97 6.58 2.78
PN NAP I . -9.36 6.05 4.15
O1N NAP I . -8.09 6.73 4.44
O2N NAP I . -9.34 4.58 4.07
O5D NAP I . -10.45 6.41 5.26
C5D NAP I . -10.46 7.69 5.93
C4D NAP I . -9.88 7.54 7.32
O4D NAP I . -10.70 6.66 8.14
C3D NAP I . -8.48 6.93 7.44
O3D NAP I . -7.49 7.82 6.97
C2D NAP I . -8.46 6.73 8.95
O2D NAP I . -8.36 7.95 9.66
C1D NAP I . -9.86 6.10 9.12
N1N NAP I . -9.83 4.66 8.87
C2N NAP I . -10.17 3.76 9.86
C3N NAP I . -10.06 2.40 9.58
C7N NAP I . -10.36 1.57 10.78
O7N NAP I . -10.06 0.38 10.87
N7N NAP I . -11.03 2.14 11.77
C4N NAP I . -9.70 1.97 8.28
C5N NAP I . -9.41 2.90 7.27
C6N NAP I . -9.50 4.22 7.60
P2B NAP I . -4.92 11.90 -1.38
O1X NAP I . -3.67 11.68 -2.33
O2X NAP I . -5.60 13.16 -1.68
O3X NAP I . -4.53 11.69 0.03
C1 EDO J . -19.63 7.37 27.78
O1 EDO J . -18.79 7.65 28.89
C2 EDO J . -18.89 6.57 26.75
O2 EDO J . -17.91 7.35 26.11
C1 EDO K . -6.62 0.62 7.99
O1 EDO K . -7.43 1.77 8.24
C2 EDO K . -5.46 0.65 8.81
O2 EDO K . -5.77 0.35 10.15
C1 EDO L . 7.12 8.05 3.94
O1 EDO L . 6.89 8.37 5.34
C2 EDO L . 5.91 8.32 3.12
O2 EDO L . 5.53 9.70 3.07
C1 EDO M . -2.24 7.71 30.75
O1 EDO M . -0.98 8.07 31.28
C2 EDO M . -2.70 6.32 31.17
O2 EDO M . -2.77 6.09 32.63
C1 EDO N . -10.68 -12.49 19.00
O1 EDO N . -9.46 -12.06 19.60
C2 EDO N . -11.86 -12.84 19.93
O2 EDO N . -11.55 -13.56 21.13
C1 EDO O . -5.35 -4.75 7.05
O1 EDO O . -5.78 -4.99 5.71
C2 EDO O . -5.09 -3.28 7.30
O2 EDO O . -4.39 -2.99 8.52
#